data_2RU0
#
_entry.id   2RU0
#
_entity_poly.entity_id   1
_entity_poly.type   'polypeptide(L)'
_entity_poly.pdbx_seq_one_letter_code
;GFGCPWNAYECDRHCVSKGYTGGNCRGKIRQTCHCY
;
_entity_poly.pdbx_strand_id   A
#
# COMPACT_ATOMS: atom_id res chain seq x y z
N GLY A 1 7.83 -0.12 -5.48
CA GLY A 1 6.47 -0.30 -5.96
C GLY A 1 6.26 -1.64 -6.63
N PHE A 2 6.29 -2.71 -5.85
CA PHE A 2 6.10 -4.06 -6.39
C PHE A 2 4.80 -4.66 -5.88
N GLY A 3 3.72 -3.89 -5.94
CA GLY A 3 2.43 -4.36 -5.49
C GLY A 3 1.42 -3.25 -5.29
N CYS A 4 0.17 -3.51 -5.62
CA CYS A 4 -0.88 -2.51 -5.48
C CYS A 4 -2.23 -3.07 -5.95
N PRO A 5 -2.29 -3.45 -7.24
CA PRO A 5 -3.50 -4.00 -7.84
C PRO A 5 -3.84 -5.40 -7.31
N TRP A 6 -2.82 -6.24 -7.23
CA TRP A 6 -2.99 -7.61 -6.74
C TRP A 6 -2.09 -7.87 -5.54
N ASN A 7 -0.91 -7.28 -5.55
CA ASN A 7 0.04 -7.46 -4.45
C ASN A 7 -0.15 -6.38 -3.38
N ALA A 8 -1.15 -6.59 -2.52
CA ALA A 8 -1.44 -5.65 -1.45
C ALA A 8 -0.52 -5.87 -0.24
N TYR A 9 -0.07 -7.11 -0.07
CA TYR A 9 0.80 -7.46 1.04
C TYR A 9 2.10 -6.67 0.98
N GLU A 10 2.50 -6.29 -0.24
CA GLU A 10 3.73 -5.52 -0.43
C GLU A 10 3.56 -4.10 0.10
N CYS A 11 2.62 -3.37 -0.48
CA CYS A 11 2.36 -1.99 -0.08
C CYS A 11 1.88 -1.93 1.37
N ASP A 12 1.21 -2.99 1.81
CA ASP A 12 0.69 -3.06 3.17
C ASP A 12 1.82 -3.26 4.18
N ARG A 13 2.51 -4.40 4.05
CA ARG A 13 3.62 -4.71 4.94
C ARG A 13 4.69 -3.63 4.89
N HIS A 14 4.73 -2.89 3.79
CA HIS A 14 5.70 -1.82 3.61
C HIS A 14 5.58 -0.79 4.73
N CYS A 15 4.34 -0.44 5.07
CA CYS A 15 4.09 0.54 6.12
C CYS A 15 3.94 -0.14 7.47
N VAL A 16 3.35 -1.33 7.47
CA VAL A 16 3.14 -2.08 8.70
C VAL A 16 4.45 -2.21 9.48
N SER A 17 5.57 -2.22 8.76
CA SER A 17 6.88 -2.35 9.39
C SER A 17 7.28 -1.04 10.06
N LYS A 18 6.91 0.08 9.43
CA LYS A 18 7.24 1.39 9.97
C LYS A 18 6.41 1.69 11.21
N GLY A 19 5.16 1.24 11.21
CA GLY A 19 4.28 1.47 12.35
C GLY A 19 2.84 1.71 11.93
N TYR A 20 2.67 2.43 10.82
CA TYR A 20 1.34 2.74 10.33
C TYR A 20 0.50 1.47 10.18
N THR A 21 -0.82 1.65 10.09
CA THR A 21 -1.72 0.52 9.95
C THR A 21 -1.36 -0.33 8.74
N GLY A 22 -0.81 0.32 7.71
CA GLY A 22 -0.43 -0.38 6.51
C GLY A 22 -0.66 0.43 5.25
N GLY A 23 0.14 0.18 4.21
CA GLY A 23 0.00 0.91 2.97
C GLY A 23 -0.96 0.23 2.01
N ASN A 24 -2.05 0.92 1.67
CA ASN A 24 -3.04 0.37 0.77
C ASN A 24 -3.20 1.26 -0.47
N CYS A 25 -3.53 0.64 -1.59
CA CYS A 25 -3.72 1.37 -2.84
C CYS A 25 -5.20 1.56 -3.16
N ARG A 26 -5.52 2.66 -3.84
CA ARG A 26 -6.91 2.96 -4.19
C ARG A 26 -6.96 3.78 -5.48
N GLY A 27 -8.18 4.07 -5.93
CA GLY A 27 -8.35 4.84 -7.15
C GLY A 27 -8.48 6.33 -6.87
N LYS A 28 -7.70 6.82 -5.91
CA LYS A 28 -7.73 8.24 -5.56
C LYS A 28 -7.55 9.12 -6.79
N ILE A 29 -6.83 8.60 -7.78
CA ILE A 29 -6.58 9.33 -9.00
C ILE A 29 -6.32 8.39 -10.18
N ARG A 30 -5.57 7.32 -9.91
CA ARG A 30 -5.24 6.34 -10.95
C ARG A 30 -4.42 5.19 -10.36
N GLN A 31 -4.98 4.53 -9.35
CA GLN A 31 -4.29 3.41 -8.70
C GLN A 31 -3.01 3.88 -8.03
N THR A 32 -3.14 4.51 -6.87
CA THR A 32 -1.99 5.00 -6.12
C THR A 32 -1.96 4.43 -4.71
N CYS A 33 -0.76 4.27 -4.16
CA CYS A 33 -0.59 3.73 -2.82
C CYS A 33 -0.71 4.84 -1.78
N HIS A 34 -1.10 4.46 -0.57
CA HIS A 34 -1.26 5.42 0.51
C HIS A 34 -1.23 4.72 1.87
N CYS A 35 -0.45 5.26 2.80
CA CYS A 35 -0.34 4.69 4.14
C CYS A 35 -1.24 5.43 5.13
N TYR A 36 -1.99 4.68 5.92
CA TYR A 36 -2.89 5.27 6.91
C TYR A 36 -2.40 4.98 8.32
N GLY A 1 4.42 -1.35 -10.38
CA GLY A 1 4.91 -1.24 -9.02
C GLY A 1 5.07 -2.60 -8.35
N PHE A 2 5.89 -2.64 -7.30
CA PHE A 2 6.13 -3.88 -6.58
C PHE A 2 4.81 -4.53 -6.17
N GLY A 3 3.79 -3.71 -5.95
CA GLY A 3 2.49 -4.23 -5.55
C GLY A 3 1.47 -3.13 -5.33
N CYS A 4 0.22 -3.41 -5.68
CA CYS A 4 -0.85 -2.43 -5.51
C CYS A 4 -2.19 -3.00 -5.99
N PRO A 5 -2.25 -3.35 -7.29
CA PRO A 5 -3.45 -3.91 -7.90
C PRO A 5 -3.75 -5.32 -7.41
N TRP A 6 -2.71 -6.15 -7.33
CA TRP A 6 -2.87 -7.53 -6.88
C TRP A 6 -1.97 -7.80 -5.68
N ASN A 7 -0.78 -7.20 -5.69
CA ASN A 7 0.17 -7.39 -4.60
C ASN A 7 -0.02 -6.34 -3.51
N ALA A 8 -1.01 -6.57 -2.65
CA ALA A 8 -1.30 -5.65 -1.56
C ALA A 8 -0.40 -5.91 -0.36
N TYR A 9 0.09 -7.15 -0.25
CA TYR A 9 0.95 -7.54 0.85
C TYR A 9 2.26 -6.75 0.82
N GLU A 10 2.77 -6.50 -0.39
CA GLU A 10 4.02 -5.75 -0.55
C GLU A 10 3.84 -4.31 -0.09
N CYS A 11 2.83 -3.64 -0.62
CA CYS A 11 2.56 -2.25 -0.28
C CYS A 11 2.12 -2.13 1.18
N ASP A 12 1.44 -3.16 1.68
CA ASP A 12 0.98 -3.16 3.06
C ASP A 12 2.13 -3.38 4.03
N ARG A 13 2.79 -4.53 3.91
CA ARG A 13 3.91 -4.86 4.76
C ARG A 13 4.94 -3.74 4.77
N HIS A 14 5.04 -3.01 3.66
CA HIS A 14 5.97 -1.90 3.55
C HIS A 14 5.75 -0.88 4.66
N CYS A 15 4.49 -0.59 4.94
CA CYS A 15 4.13 0.37 5.98
C CYS A 15 3.98 -0.32 7.33
N VAL A 16 3.55 -1.58 7.30
CA VAL A 16 3.36 -2.35 8.52
C VAL A 16 4.63 -2.38 9.36
N SER A 17 5.77 -2.21 8.69
CA SER A 17 7.06 -2.22 9.39
C SER A 17 7.36 -0.86 10.01
N LYS A 18 6.99 0.20 9.29
CA LYS A 18 7.22 1.56 9.77
C LYS A 18 6.53 1.78 11.12
N GLY A 19 5.30 1.29 11.24
CA GLY A 19 4.56 1.44 12.48
C GLY A 19 3.07 1.62 12.24
N TYR A 20 2.71 2.02 11.04
CA TYR A 20 1.31 2.23 10.69
C TYR A 20 0.59 0.90 10.49
N THR A 21 -0.72 0.96 10.28
CA THR A 21 -1.53 -0.23 10.08
C THR A 21 -1.12 -0.96 8.80
N GLY A 22 -0.66 -0.20 7.82
CA GLY A 22 -0.25 -0.79 6.55
C GLY A 22 -0.51 0.13 5.37
N GLY A 23 0.31 -0.01 4.33
CA GLY A 23 0.14 0.82 3.15
C GLY A 23 -0.72 0.17 2.10
N ASN A 24 -1.86 0.77 1.80
CA ASN A 24 -2.78 0.23 0.80
C ASN A 24 -2.90 1.17 -0.40
N CYS A 25 -3.26 0.61 -1.55
CA CYS A 25 -3.41 1.40 -2.76
C CYS A 25 -4.88 1.59 -3.11
N ARG A 26 -5.18 2.72 -3.74
CA ARG A 26 -6.55 3.04 -4.14
C ARG A 26 -6.59 3.89 -5.40
N GLY A 27 -7.78 4.19 -5.87
CA GLY A 27 -7.93 4.99 -7.07
C GLY A 27 -8.07 6.47 -6.77
N LYS A 28 -7.32 6.95 -5.78
CA LYS A 28 -7.36 8.34 -5.37
C LYS A 28 -7.16 9.25 -6.58
N ILE A 29 -6.40 8.78 -7.56
CA ILE A 29 -6.12 9.54 -8.76
C ILE A 29 -5.83 8.63 -9.95
N ARG A 30 -5.06 7.57 -9.70
CA ARG A 30 -4.71 6.62 -10.74
C ARG A 30 -3.91 5.46 -10.16
N GLN A 31 -4.50 4.76 -9.20
CA GLN A 31 -3.84 3.62 -8.56
C GLN A 31 -2.57 4.06 -7.85
N THR A 32 -2.73 4.65 -6.67
CA THR A 32 -1.59 5.11 -5.88
C THR A 32 -1.60 4.50 -4.49
N CYS A 33 -0.41 4.31 -3.94
CA CYS A 33 -0.27 3.73 -2.60
C CYS A 33 -0.38 4.80 -1.53
N HIS A 34 -0.78 4.38 -0.33
CA HIS A 34 -0.93 5.31 0.79
C HIS A 34 -0.90 4.57 2.13
N CYS A 35 -0.33 5.21 3.14
CA CYS A 35 -0.24 4.61 4.46
C CYS A 35 -1.40 5.05 5.35
N TYR A 36 -1.94 4.11 6.11
CA TYR A 36 -3.06 4.42 7.00
C TYR A 36 -2.70 4.13 8.46
N GLY A 1 7.87 0.27 -5.93
CA GLY A 1 6.56 -0.01 -6.49
C GLY A 1 6.47 -1.38 -7.12
N PHE A 2 6.22 -2.40 -6.30
CA PHE A 2 6.11 -3.77 -6.79
C PHE A 2 4.85 -4.44 -6.26
N GLY A 3 3.75 -3.69 -6.25
CA GLY A 3 2.49 -4.22 -5.77
C GLY A 3 1.44 -3.14 -5.55
N CYS A 4 0.19 -3.46 -5.86
CA CYS A 4 -0.90 -2.52 -5.71
C CYS A 4 -2.23 -3.14 -6.14
N PRO A 5 -2.30 -3.53 -7.43
CA PRO A 5 -3.50 -4.14 -8.00
C PRO A 5 -3.76 -5.54 -7.46
N TRP A 6 -2.69 -6.35 -7.40
CA TRP A 6 -2.81 -7.70 -6.89
C TRP A 6 -1.88 -7.93 -5.71
N ASN A 7 -0.71 -7.28 -5.75
CA ASN A 7 0.26 -7.41 -4.67
C ASN A 7 0.04 -6.34 -3.60
N ALA A 8 -0.92 -6.58 -2.71
CA ALA A 8 -1.23 -5.65 -1.65
C ALA A 8 -0.34 -5.89 -0.43
N TYR A 9 0.09 -7.13 -0.25
CA TYR A 9 0.95 -7.49 0.87
C TYR A 9 2.23 -6.67 0.87
N GLU A 10 2.70 -6.31 -0.33
CA GLU A 10 3.91 -5.54 -0.47
C GLU A 10 3.72 -4.12 0.06
N CYS A 11 2.82 -3.37 -0.56
CA CYS A 11 2.54 -2.00 -0.14
C CYS A 11 2.03 -1.97 1.30
N ASP A 12 1.34 -3.03 1.70
CA ASP A 12 0.80 -3.11 3.04
C ASP A 12 1.92 -3.29 4.07
N ARG A 13 2.62 -4.42 3.99
CA ARG A 13 3.72 -4.71 4.91
C ARG A 13 4.76 -3.59 4.87
N HIS A 14 4.81 -2.87 3.76
CA HIS A 14 5.77 -1.78 3.61
C HIS A 14 5.61 -0.76 4.73
N CYS A 15 4.37 -0.43 5.05
CA CYS A 15 4.08 0.54 6.10
C CYS A 15 3.92 -0.15 7.45
N VAL A 16 3.38 -1.37 7.43
CA VAL A 16 3.17 -2.13 8.65
C VAL A 16 4.46 -2.22 9.46
N SER A 17 5.60 -2.19 8.77
CA SER A 17 6.89 -2.27 9.42
C SER A 17 7.24 -0.95 10.11
N LYS A 18 6.92 0.15 9.45
CA LYS A 18 7.19 1.47 9.99
C LYS A 18 6.35 1.74 11.24
N GLY A 19 5.09 1.27 11.21
CA GLY A 19 4.21 1.45 12.33
C GLY A 19 2.76 1.60 11.91
N TYR A 20 2.54 2.30 10.81
CA TYR A 20 1.18 2.51 10.30
C TYR A 20 0.46 1.18 10.12
N THR A 21 -0.86 1.26 9.92
CA THR A 21 -1.67 0.06 9.74
C THR A 21 -1.24 -0.71 8.50
N GLY A 22 -0.75 0.02 7.50
CA GLY A 22 -0.31 -0.61 6.27
C GLY A 22 -0.57 0.26 5.05
N GLY A 23 0.27 0.13 4.03
CA GLY A 23 0.10 0.91 2.82
C GLY A 23 -0.83 0.24 1.82
N ASN A 24 -1.97 0.88 1.58
CA ASN A 24 -2.95 0.35 0.64
C ASN A 24 -3.13 1.27 -0.55
N CYS A 25 -3.54 0.70 -1.68
CA CYS A 25 -3.75 1.48 -2.90
C CYS A 25 -5.23 1.78 -3.11
N ARG A 26 -5.52 2.90 -3.74
CA ARG A 26 -6.90 3.30 -4.01
C ARG A 26 -7.00 4.10 -5.31
N GLY A 27 -8.22 4.47 -5.69
CA GLY A 27 -8.42 5.23 -6.90
C GLY A 27 -8.44 6.73 -6.66
N LYS A 28 -7.58 7.19 -5.74
CA LYS A 28 -7.50 8.60 -5.41
C LYS A 28 -7.32 9.44 -6.68
N ILE A 29 -6.69 8.87 -7.69
CA ILE A 29 -6.46 9.57 -8.94
C ILE A 29 -6.33 8.58 -10.11
N ARG A 30 -5.63 7.48 -9.86
CA ARG A 30 -5.42 6.46 -10.88
C ARG A 30 -4.66 5.26 -10.32
N GLN A 31 -5.20 4.67 -9.27
CA GLN A 31 -4.57 3.52 -8.63
C GLN A 31 -3.21 3.90 -8.04
N THR A 32 -3.24 4.57 -6.90
CA THR A 32 -2.01 5.00 -6.24
C THR A 32 -1.92 4.44 -4.82
N CYS A 33 -0.70 4.17 -4.38
CA CYS A 33 -0.48 3.63 -3.04
C CYS A 33 -0.46 4.73 -1.99
N HIS A 34 -0.87 4.41 -0.78
CA HIS A 34 -0.91 5.39 0.31
C HIS A 34 -0.94 4.68 1.67
N CYS A 35 -0.29 5.27 2.65
CA CYS A 35 -0.24 4.71 3.99
C CYS A 35 -1.21 5.43 4.93
N TYR A 36 -2.00 4.65 5.66
CA TYR A 36 -2.97 5.22 6.59
C TYR A 36 -3.54 4.15 7.51
N GLY A 1 6.07 -4.61 -10.02
CA GLY A 1 6.11 -3.44 -9.16
C GLY A 1 6.22 -3.81 -7.69
N PHE A 2 5.86 -2.87 -6.82
CA PHE A 2 5.91 -3.10 -5.39
C PHE A 2 4.56 -3.54 -4.85
N GLY A 3 3.76 -4.17 -5.71
CA GLY A 3 2.45 -4.63 -5.31
C GLY A 3 1.44 -3.50 -5.17
N CYS A 4 0.20 -3.76 -5.56
CA CYS A 4 -0.86 -2.76 -5.49
C CYS A 4 -2.18 -3.33 -6.01
N PRO A 5 -2.18 -3.74 -7.29
CA PRO A 5 -3.38 -4.29 -7.93
C PRO A 5 -3.74 -5.68 -7.38
N TRP A 6 -2.73 -6.53 -7.24
CA TRP A 6 -2.94 -7.88 -6.72
C TRP A 6 -2.09 -8.12 -5.47
N ASN A 7 -0.90 -7.53 -5.45
CA ASN A 7 0.00 -7.69 -4.31
C ASN A 7 -0.25 -6.59 -3.28
N ALA A 8 -1.26 -6.78 -2.45
CA ALA A 8 -1.60 -5.79 -1.42
C ALA A 8 -0.82 -6.07 -0.13
N TYR A 9 -0.45 -7.33 0.08
CA TYR A 9 0.30 -7.72 1.26
C TYR A 9 1.67 -7.05 1.29
N GLU A 10 2.24 -6.86 0.11
CA GLU A 10 3.55 -6.23 -0.01
C GLU A 10 3.49 -4.75 0.38
N CYS A 11 2.55 -4.03 -0.24
CA CYS A 11 2.38 -2.61 0.03
C CYS A 11 1.82 -2.39 1.43
N ASP A 12 1.09 -3.38 1.94
CA ASP A 12 0.50 -3.29 3.27
C ASP A 12 1.55 -3.54 4.35
N ARG A 13 2.22 -4.68 4.27
CA ARG A 13 3.25 -5.04 5.23
C ARG A 13 4.36 -4.00 5.26
N HIS A 14 4.48 -3.25 4.16
CA HIS A 14 5.50 -2.20 4.07
C HIS A 14 5.37 -1.19 5.20
N CYS A 15 4.13 -0.79 5.48
CA CYS A 15 3.86 0.17 6.54
C CYS A 15 3.62 -0.54 7.88
N VAL A 16 3.05 -1.74 7.80
CA VAL A 16 2.76 -2.52 9.00
C VAL A 16 3.99 -2.65 9.88
N SER A 17 5.16 -2.64 9.25
CA SER A 17 6.43 -2.76 9.97
C SER A 17 6.80 -1.44 10.64
N LYS A 18 6.56 -0.34 9.94
CA LYS A 18 6.86 0.99 10.46
C LYS A 18 6.00 1.31 11.68
N GLY A 19 4.74 0.89 11.63
CA GLY A 19 3.83 1.13 12.74
C GLY A 19 2.40 1.34 12.28
N TYR A 20 2.23 2.06 11.18
CA TYR A 20 0.90 2.32 10.64
C TYR A 20 0.11 1.03 10.47
N THR A 21 -1.18 1.16 10.17
CA THR A 21 -2.04 0.00 9.98
C THR A 21 -1.63 -0.79 8.75
N GLY A 22 -1.03 -0.11 7.78
CA GLY A 22 -0.59 -0.77 6.56
C GLY A 22 -0.77 0.10 5.34
N GLY A 23 0.12 -0.05 4.36
CA GLY A 23 0.04 0.73 3.15
C GLY A 23 -0.87 0.10 2.10
N ASN A 24 -1.94 0.80 1.76
CA ASN A 24 -2.89 0.29 0.77
C ASN A 24 -2.97 1.23 -0.44
N CYS A 25 -3.41 0.69 -1.56
CA CYS A 25 -3.53 1.48 -2.79
C CYS A 25 -4.98 1.88 -3.02
N ARG A 26 -5.18 3.03 -3.65
CA ARG A 26 -6.51 3.54 -3.94
C ARG A 26 -6.51 4.38 -5.22
N GLY A 27 -7.69 4.85 -5.61
CA GLY A 27 -7.81 5.66 -6.81
C GLY A 27 -7.71 7.13 -6.53
N LYS A 28 -6.82 7.50 -5.60
CA LYS A 28 -6.62 8.90 -5.24
C LYS A 28 -6.40 9.76 -6.48
N ILE A 29 -5.78 9.18 -7.50
CA ILE A 29 -5.50 9.88 -8.74
C ILE A 29 -5.42 8.92 -9.92
N ARG A 30 -4.79 7.77 -9.69
CA ARG A 30 -4.63 6.77 -10.74
C ARG A 30 -3.98 5.51 -10.18
N GLN A 31 -4.59 4.93 -9.16
CA GLN A 31 -4.06 3.72 -8.54
C GLN A 31 -2.69 3.97 -7.93
N THR A 32 -2.67 4.56 -6.74
CA THR A 32 -1.42 4.85 -6.04
C THR A 32 -1.43 4.29 -4.63
N CYS A 33 -0.25 3.93 -4.13
CA CYS A 33 -0.11 3.37 -2.80
C CYS A 33 -0.01 4.49 -1.76
N HIS A 34 -0.48 4.21 -0.54
CA HIS A 34 -0.43 5.18 0.54
C HIS A 34 -0.55 4.50 1.90
N CYS A 35 0.00 5.12 2.93
CA CYS A 35 -0.06 4.58 4.28
C CYS A 35 -1.08 5.32 5.12
N TYR A 36 -1.97 4.56 5.76
CA TYR A 36 -3.00 5.14 6.61
C TYR A 36 -3.71 4.07 7.42
N GLY A 1 7.47 1.06 -7.95
CA GLY A 1 6.41 0.27 -7.34
C GLY A 1 6.30 -1.13 -7.91
N PHE A 2 6.07 -2.10 -7.04
CA PHE A 2 5.96 -3.49 -7.48
C PHE A 2 4.88 -4.22 -6.66
N GLY A 3 3.64 -3.78 -6.80
CA GLY A 3 2.55 -4.41 -6.08
C GLY A 3 1.46 -3.41 -5.71
N CYS A 4 0.21 -3.86 -5.79
CA CYS A 4 -0.93 -3.00 -5.46
C CYS A 4 -2.24 -3.75 -5.66
N PRO A 5 -2.50 -4.20 -6.90
CA PRO A 5 -3.72 -4.92 -7.24
C PRO A 5 -3.74 -6.33 -6.64
N TRP A 6 -2.62 -7.04 -6.75
CA TRP A 6 -2.53 -8.39 -6.21
C TRP A 6 -1.39 -8.49 -5.20
N ASN A 7 -0.33 -7.72 -5.42
CA ASN A 7 0.82 -7.73 -4.53
C ASN A 7 0.69 -6.64 -3.46
N ALA A 8 -0.56 -6.24 -3.20
CA ALA A 8 -0.82 -5.21 -2.20
C ALA A 8 -0.13 -5.54 -0.88
N TYR A 9 0.00 -6.83 -0.58
CA TYR A 9 0.63 -7.27 0.65
C TYR A 9 2.01 -6.65 0.80
N GLU A 10 2.65 -6.35 -0.33
CA GLU A 10 3.97 -5.76 -0.33
C GLU A 10 3.93 -4.33 0.21
N CYS A 11 3.04 -3.52 -0.35
CA CYS A 11 2.90 -2.13 0.08
C CYS A 11 2.32 -2.05 1.49
N ASP A 12 1.57 -3.09 1.88
CA ASP A 12 0.96 -3.13 3.20
C ASP A 12 2.02 -3.33 4.28
N ARG A 13 2.77 -4.43 4.18
CA ARG A 13 3.81 -4.74 5.15
C ARG A 13 4.83 -3.61 5.22
N HIS A 14 4.92 -2.82 4.16
CA HIS A 14 5.85 -1.71 4.10
C HIS A 14 5.62 -0.75 5.25
N CYS A 15 4.35 -0.45 5.52
CA CYS A 15 3.99 0.46 6.60
C CYS A 15 3.78 -0.30 7.91
N VAL A 16 3.28 -1.52 7.81
CA VAL A 16 3.03 -2.35 8.98
C VAL A 16 4.26 -2.44 9.86
N SER A 17 5.44 -2.35 9.23
CA SER A 17 6.69 -2.41 9.97
C SER A 17 6.98 -1.10 10.69
N LYS A 18 6.64 0.01 10.05
CA LYS A 18 6.85 1.32 10.63
C LYS A 18 5.96 1.54 11.85
N GLY A 19 4.73 1.04 11.76
CA GLY A 19 3.79 1.18 12.86
C GLY A 19 2.36 1.34 12.39
N TYR A 20 2.18 2.07 11.29
CA TYR A 20 0.85 2.31 10.74
C TYR A 20 0.11 1.00 10.51
N THR A 21 -1.17 1.09 10.18
CA THR A 21 -1.99 -0.08 9.93
C THR A 21 -1.50 -0.85 8.70
N GLY A 22 -0.94 -0.12 7.74
CA GLY A 22 -0.45 -0.73 6.52
C GLY A 22 -0.65 0.14 5.31
N GLY A 23 0.27 0.05 4.35
CA GLY A 23 0.17 0.84 3.14
C GLY A 23 -0.64 0.15 2.06
N ASN A 24 -1.76 0.77 1.69
CA ASN A 24 -2.62 0.21 0.66
C ASN A 24 -2.76 1.18 -0.52
N CYS A 25 -3.20 0.64 -1.66
CA CYS A 25 -3.37 1.46 -2.86
C CYS A 25 -4.84 1.81 -3.07
N ARG A 26 -5.08 2.97 -3.66
CA ARG A 26 -6.44 3.43 -3.93
C ARG A 26 -6.50 4.28 -5.19
N GLY A 27 -7.70 4.69 -5.57
CA GLY A 27 -7.87 5.51 -6.76
C GLY A 27 -7.85 6.99 -6.46
N LYS A 28 -7.00 7.38 -5.51
CA LYS A 28 -6.89 8.79 -5.13
C LYS A 28 -6.68 9.67 -6.35
N ILE A 29 -6.01 9.13 -7.36
CA ILE A 29 -5.74 9.87 -8.59
C ILE A 29 -5.59 8.93 -9.77
N ARG A 30 -4.89 7.81 -9.54
CA ARG A 30 -4.66 6.83 -10.60
C ARG A 30 -3.93 5.61 -10.05
N GLN A 31 -4.53 4.97 -9.05
CA GLN A 31 -3.94 3.78 -8.43
C GLN A 31 -2.60 4.12 -7.79
N THR A 32 -2.64 4.72 -6.60
CA THR A 32 -1.44 5.09 -5.89
C THR A 32 -1.43 4.50 -4.48
N CYS A 33 -0.24 4.20 -3.97
CA CYS A 33 -0.09 3.63 -2.64
C CYS A 33 -0.14 4.72 -1.57
N HIS A 34 -0.57 4.36 -0.38
CA HIS A 34 -0.67 5.31 0.73
C HIS A 34 -0.72 4.58 2.06
N CYS A 35 -0.14 5.20 3.09
CA CYS A 35 -0.11 4.61 4.42
C CYS A 35 -1.21 5.19 5.30
N TYR A 36 -2.01 4.32 5.89
CA TYR A 36 -3.11 4.75 6.75
C TYR A 36 -2.75 4.57 8.22
N GLY A 1 6.41 -0.29 -11.01
CA GLY A 1 5.47 -0.97 -10.14
C GLY A 1 6.17 -1.72 -9.02
N PHE A 2 5.37 -2.31 -8.13
CA PHE A 2 5.91 -3.05 -7.00
C PHE A 2 4.80 -3.64 -6.15
N GLY A 3 3.70 -4.04 -6.80
CA GLY A 3 2.57 -4.61 -6.09
C GLY A 3 1.52 -3.56 -5.74
N CYS A 4 0.25 -3.97 -5.83
CA CYS A 4 -0.86 -3.06 -5.53
C CYS A 4 -2.20 -3.76 -5.75
N PRO A 5 -2.45 -4.21 -6.97
CA PRO A 5 -3.69 -4.90 -7.33
C PRO A 5 -3.78 -6.29 -6.71
N TRP A 6 -2.69 -7.04 -6.80
CA TRP A 6 -2.64 -8.39 -6.24
C TRP A 6 -1.53 -8.52 -5.21
N ASN A 7 -0.43 -7.80 -5.44
CA ASN A 7 0.70 -7.83 -4.53
C ASN A 7 0.60 -6.74 -3.48
N ALA A 8 -0.63 -6.28 -3.24
CA ALA A 8 -0.87 -5.22 -2.26
C ALA A 8 -0.22 -5.56 -0.92
N TYR A 9 -0.16 -6.85 -0.61
CA TYR A 9 0.44 -7.30 0.64
C TYR A 9 1.86 -6.74 0.80
N GLU A 10 2.51 -6.49 -0.32
CA GLU A 10 3.87 -5.95 -0.31
C GLU A 10 3.89 -4.52 0.24
N CYS A 11 3.08 -3.66 -0.37
CA CYS A 11 2.99 -2.26 0.06
C CYS A 11 2.46 -2.16 1.48
N ASP A 12 1.70 -3.16 1.90
CA ASP A 12 1.12 -3.18 3.24
C ASP A 12 2.20 -3.41 4.28
N ARG A 13 2.87 -4.56 4.20
CA ARG A 13 3.93 -4.90 5.14
C ARG A 13 4.96 -3.79 5.24
N HIS A 14 5.12 -3.04 4.14
CA HIS A 14 6.08 -1.95 4.10
C HIS A 14 5.77 -0.91 5.18
N CYS A 15 4.49 -0.62 5.36
CA CYS A 15 4.06 0.35 6.35
C CYS A 15 3.78 -0.33 7.69
N VAL A 16 3.38 -1.60 7.63
CA VAL A 16 3.08 -2.36 8.83
C VAL A 16 4.27 -2.39 9.78
N SER A 17 5.47 -2.19 9.23
CA SER A 17 6.69 -2.20 10.02
C SER A 17 6.94 -0.84 10.64
N LYS A 18 6.63 0.22 9.89
CA LYS A 18 6.82 1.58 10.37
C LYS A 18 6.02 1.83 11.65
N GLY A 19 4.78 1.35 11.67
CA GLY A 19 3.94 1.51 12.84
C GLY A 19 2.47 1.64 12.48
N TYR A 20 2.20 2.05 11.24
CA TYR A 20 0.82 2.21 10.77
C TYR A 20 0.15 0.86 10.59
N THR A 21 -1.11 0.90 10.15
CA THR A 21 -1.88 -0.33 9.94
C THR A 21 -1.42 -1.04 8.67
N GLY A 22 -0.83 -0.29 7.75
CA GLY A 22 -0.35 -0.87 6.51
C GLY A 22 -0.59 0.03 5.32
N GLY A 23 0.34 0.01 4.37
CA GLY A 23 0.21 0.84 3.18
C GLY A 23 -0.57 0.16 2.08
N ASN A 24 -1.67 0.78 1.66
CA ASN A 24 -2.51 0.23 0.61
C ASN A 24 -2.61 1.18 -0.57
N CYS A 25 -3.05 0.67 -1.72
CA CYS A 25 -3.18 1.47 -2.92
C CYS A 25 -4.64 1.86 -3.15
N ARG A 26 -4.84 3.03 -3.76
CA ARG A 26 -6.19 3.52 -4.04
C ARG A 26 -6.21 4.35 -5.32
N GLY A 27 -7.40 4.79 -5.72
CA GLY A 27 -7.54 5.58 -6.92
C GLY A 27 -7.49 7.07 -6.64
N LYS A 28 -6.65 7.46 -5.68
CA LYS A 28 -6.51 8.87 -5.32
C LYS A 28 -6.25 9.73 -6.55
N ILE A 29 -5.58 9.14 -7.54
CA ILE A 29 -5.26 9.85 -8.77
C ILE A 29 -5.11 8.89 -9.94
N ARG A 30 -4.46 7.76 -9.68
CA ARG A 30 -4.24 6.75 -10.72
C ARG A 30 -3.56 5.52 -10.14
N GLN A 31 -4.19 4.92 -9.13
CA GLN A 31 -3.62 3.73 -8.49
C GLN A 31 -2.29 4.05 -7.81
N THR A 32 -2.34 4.70 -6.66
CA THR A 32 -1.14 5.06 -5.94
C THR A 32 -1.16 4.48 -4.51
N CYS A 33 0.02 4.15 -4.01
CA CYS A 33 0.14 3.58 -2.68
C CYS A 33 0.13 4.68 -1.61
N HIS A 34 -0.37 4.33 -0.42
CA HIS A 34 -0.44 5.29 0.67
C HIS A 34 -0.55 4.56 2.01
N CYS A 35 -0.10 5.21 3.08
CA CYS A 35 -0.14 4.63 4.41
C CYS A 35 -1.31 5.22 5.21
N TYR A 36 -2.10 4.35 5.82
CA TYR A 36 -3.24 4.78 6.62
C TYR A 36 -3.83 3.61 7.42
N GLY A 1 6.06 0.29 -8.38
CA GLY A 1 5.02 -0.41 -9.10
C GLY A 1 5.27 -1.91 -9.18
N PHE A 2 5.42 -2.54 -8.02
CA PHE A 2 5.68 -3.98 -7.96
C PHE A 2 4.51 -4.70 -7.30
N GLY A 3 3.76 -3.98 -6.49
CA GLY A 3 2.61 -4.57 -5.82
C GLY A 3 1.54 -3.56 -5.49
N CYS A 4 0.28 -3.98 -5.61
CA CYS A 4 -0.85 -3.09 -5.33
C CYS A 4 -2.17 -3.81 -5.55
N PRO A 5 -2.40 -4.26 -6.80
CA PRO A 5 -3.62 -4.98 -7.16
C PRO A 5 -3.70 -6.36 -6.55
N TRP A 6 -2.60 -7.10 -6.61
CA TRP A 6 -2.54 -8.44 -6.05
C TRP A 6 -1.42 -8.56 -5.01
N ASN A 7 -0.34 -7.82 -5.23
CA ASN A 7 0.79 -7.83 -4.31
C ASN A 7 0.65 -6.73 -3.26
N ALA A 8 -0.59 -6.32 -3.01
CA ALA A 8 -0.86 -5.27 -2.02
C ALA A 8 -0.16 -5.56 -0.70
N TYR A 9 -0.01 -6.85 -0.39
CA TYR A 9 0.63 -7.26 0.85
C TYR A 9 2.01 -6.61 0.99
N GLU A 10 2.63 -6.31 -0.14
CA GLU A 10 3.95 -5.69 -0.14
C GLU A 10 3.88 -4.27 0.40
N CYS A 11 3.02 -3.45 -0.20
CA CYS A 11 2.86 -2.07 0.21
C CYS A 11 2.24 -1.99 1.60
N ASP A 12 1.50 -3.03 1.98
CA ASP A 12 0.86 -3.07 3.29
C ASP A 12 1.89 -3.29 4.39
N ARG A 13 2.60 -4.41 4.32
CA ARG A 13 3.61 -4.74 5.31
C ARG A 13 4.69 -3.66 5.37
N HIS A 14 4.83 -2.90 4.28
CA HIS A 14 5.82 -1.84 4.21
C HIS A 14 5.61 -0.82 5.33
N CYS A 15 4.34 -0.48 5.58
CA CYS A 15 4.01 0.47 6.63
C CYS A 15 3.76 -0.23 7.95
N VAL A 16 3.21 -1.45 7.88
CA VAL A 16 2.92 -2.23 9.08
C VAL A 16 4.15 -2.33 9.97
N SER A 17 5.33 -2.30 9.36
CA SER A 17 6.58 -2.39 10.11
C SER A 17 6.90 -1.08 10.81
N LYS A 18 6.63 0.03 10.11
CA LYS A 18 6.89 1.36 10.67
C LYS A 18 5.97 1.63 11.85
N GLY A 19 4.73 1.18 11.75
CA GLY A 19 3.77 1.39 12.83
C GLY A 19 2.36 1.57 12.32
N TYR A 20 2.22 2.31 11.22
CA TYR A 20 0.90 2.56 10.64
C TYR A 20 0.15 1.25 10.41
N THR A 21 -1.16 1.36 10.19
CA THR A 21 -1.99 0.20 9.96
C THR A 21 -1.52 -0.60 8.76
N GLY A 22 -0.94 0.10 7.79
CA GLY A 22 -0.45 -0.55 6.58
C GLY A 22 -0.62 0.30 5.35
N GLY A 23 0.28 0.14 4.38
CA GLY A 23 0.20 0.91 3.15
C GLY A 23 -0.65 0.22 2.10
N ASN A 24 -1.72 0.89 1.69
CA ASN A 24 -2.63 0.33 0.68
C ASN A 24 -2.74 1.27 -0.51
N CYS A 25 -3.09 0.71 -1.67
CA CYS A 25 -3.23 1.50 -2.89
C CYS A 25 -4.69 1.85 -3.14
N ARG A 26 -4.93 3.00 -3.77
CA ARG A 26 -6.28 3.44 -4.08
C ARG A 26 -6.31 4.28 -5.35
N GLY A 27 -7.50 4.68 -5.76
CA GLY A 27 -7.64 5.47 -6.97
C GLY A 27 -7.63 6.97 -6.68
N LYS A 28 -6.81 7.38 -5.72
CA LYS A 28 -6.71 8.78 -5.35
C LYS A 28 -6.47 9.65 -6.58
N ILE A 29 -5.78 9.10 -7.56
CA ILE A 29 -5.47 9.82 -8.79
C ILE A 29 -5.28 8.86 -9.96
N ARG A 30 -4.61 7.75 -9.70
CA ARG A 30 -4.35 6.75 -10.74
C ARG A 30 -3.63 5.54 -10.15
N GLN A 31 -4.25 4.92 -9.15
CA GLN A 31 -3.67 3.75 -8.51
C GLN A 31 -2.34 4.10 -7.82
N THR A 32 -2.43 4.73 -6.66
CA THR A 32 -1.25 5.13 -5.91
C THR A 32 -1.28 4.55 -4.50
N CYS A 33 -0.09 4.26 -3.96
CA CYS A 33 0.02 3.70 -2.62
C CYS A 33 -0.10 4.79 -1.56
N HIS A 34 -0.56 4.41 -0.37
CA HIS A 34 -0.72 5.37 0.72
C HIS A 34 -0.78 4.65 2.06
N CYS A 35 -0.17 5.24 3.08
CA CYS A 35 -0.15 4.65 4.42
C CYS A 35 -1.16 5.35 5.32
N TYR A 36 -2.03 4.55 5.95
CA TYR A 36 -3.05 5.08 6.84
C TYR A 36 -2.63 4.92 8.29
N GLY A 1 4.55 0.39 -9.92
CA GLY A 1 5.45 0.11 -8.82
C GLY A 1 5.91 -1.33 -8.80
N PHE A 2 5.20 -2.19 -8.07
CA PHE A 2 5.55 -3.60 -7.97
C PHE A 2 4.55 -4.35 -7.09
N GLY A 3 3.30 -3.92 -7.14
CA GLY A 3 2.26 -4.56 -6.35
C GLY A 3 1.16 -3.60 -5.94
N CYS A 4 -0.07 -4.08 -5.94
CA CYS A 4 -1.22 -3.26 -5.57
C CYS A 4 -2.52 -4.05 -5.68
N PRO A 5 -2.82 -4.53 -6.89
CA PRO A 5 -4.03 -5.31 -7.15
C PRO A 5 -3.98 -6.69 -6.52
N TRP A 6 -2.85 -7.37 -6.68
CA TRP A 6 -2.67 -8.71 -6.12
C TRP A 6 -1.49 -8.74 -5.17
N ASN A 7 -0.46 -7.95 -5.48
CA ASN A 7 0.73 -7.89 -4.64
C ASN A 7 0.62 -6.79 -3.59
N ALA A 8 -0.62 -6.42 -3.27
CA ALA A 8 -0.87 -5.37 -2.28
C ALA A 8 -0.11 -5.65 -0.99
N TYR A 9 0.07 -6.93 -0.67
CA TYR A 9 0.78 -7.32 0.54
C TYR A 9 2.15 -6.67 0.61
N GLU A 10 2.72 -6.39 -0.57
CA GLU A 10 4.03 -5.76 -0.64
C GLU A 10 3.98 -4.32 -0.16
N CYS A 11 2.96 -3.58 -0.60
CA CYS A 11 2.80 -2.19 -0.22
C CYS A 11 2.29 -2.08 1.22
N ASP A 12 1.61 -3.13 1.68
CA ASP A 12 1.09 -3.15 3.04
C ASP A 12 2.20 -3.32 4.06
N ARG A 13 2.99 -4.38 3.91
CA ARG A 13 4.10 -4.65 4.81
C ARG A 13 5.06 -3.46 4.87
N HIS A 14 5.07 -2.66 3.81
CA HIS A 14 5.93 -1.49 3.75
C HIS A 14 5.65 -0.53 4.90
N CYS A 15 4.37 -0.30 5.17
CA CYS A 15 3.97 0.60 6.24
C CYS A 15 3.79 -0.17 7.56
N VAL A 16 3.23 -1.37 7.46
CA VAL A 16 3.00 -2.21 8.63
C VAL A 16 4.27 -2.35 9.45
N SER A 17 5.42 -2.30 8.78
CA SER A 17 6.70 -2.43 9.45
C SER A 17 7.02 -1.18 10.26
N LYS A 18 6.64 -0.02 9.73
CA LYS A 18 6.88 1.25 10.40
C LYS A 18 6.01 1.38 11.65
N GLY A 19 4.78 0.89 11.55
CA GLY A 19 3.86 0.96 12.68
C GLY A 19 2.46 1.35 12.26
N TYR A 20 2.34 1.95 11.08
CA TYR A 20 1.06 2.39 10.56
C TYR A 20 0.15 1.19 10.28
N THR A 21 -1.03 1.47 9.73
CA THR A 21 -2.00 0.42 9.42
C THR A 21 -1.51 -0.43 8.26
N GLY A 22 -1.02 0.21 7.21
CA GLY A 22 -0.53 -0.51 6.05
C GLY A 22 -0.65 0.29 4.77
N GLY A 23 0.33 0.13 3.88
CA GLY A 23 0.31 0.85 2.62
C GLY A 23 -0.60 0.21 1.60
N ASN A 24 -1.80 0.77 1.44
CA ASN A 24 -2.77 0.25 0.49
C ASN A 24 -2.94 1.20 -0.70
N CYS A 25 -3.36 0.65 -1.83
CA CYS A 25 -3.56 1.44 -3.03
C CYS A 25 -5.03 1.81 -3.20
N ARG A 26 -5.29 2.98 -3.77
CA ARG A 26 -6.65 3.45 -3.99
C ARG A 26 -6.74 4.30 -5.25
N GLY A 27 -7.95 4.72 -5.59
CA GLY A 27 -8.15 5.53 -6.77
C GLY A 27 -8.10 7.02 -6.47
N LYS A 28 -7.24 7.41 -5.54
CA LYS A 28 -7.11 8.81 -5.15
C LYS A 28 -6.90 9.70 -6.37
N ILE A 29 -6.27 9.14 -7.40
CA ILE A 29 -6.01 9.88 -8.63
C ILE A 29 -5.88 8.94 -9.82
N ARG A 30 -5.19 7.81 -9.61
CA ARG A 30 -5.00 6.83 -10.67
C ARG A 30 -4.27 5.60 -10.14
N GLN A 31 -4.84 4.98 -9.11
CA GLN A 31 -4.24 3.79 -8.50
C GLN A 31 -2.89 4.12 -7.89
N THR A 32 -2.92 4.75 -6.71
CA THR A 32 -1.70 5.12 -6.01
C THR A 32 -1.66 4.53 -4.62
N CYS A 33 -0.46 4.20 -4.15
CA CYS A 33 -0.28 3.62 -2.82
C CYS A 33 -0.33 4.69 -1.75
N HIS A 34 -0.73 4.31 -0.53
CA HIS A 34 -0.80 5.25 0.58
C HIS A 34 -0.82 4.50 1.90
N CYS A 35 -0.07 5.02 2.88
CA CYS A 35 0.01 4.42 4.20
C CYS A 35 -0.99 5.06 5.16
N TYR A 36 -1.74 4.23 5.88
CA TYR A 36 -2.73 4.73 6.83
C TYR A 36 -2.31 4.40 8.26
N GLY A 1 9.23 -0.70 -5.38
CA GLY A 1 8.04 -1.47 -5.09
C GLY A 1 7.67 -2.41 -6.22
N PHE A 2 6.55 -3.11 -6.07
CA PHE A 2 6.09 -4.04 -7.09
C PHE A 2 4.77 -4.69 -6.68
N GLY A 3 3.93 -3.93 -5.97
CA GLY A 3 2.66 -4.45 -5.52
C GLY A 3 1.62 -3.36 -5.33
N CYS A 4 0.38 -3.66 -5.69
CA CYS A 4 -0.71 -2.70 -5.55
C CYS A 4 -2.03 -3.29 -6.05
N PRO A 5 -2.06 -3.66 -7.33
CA PRO A 5 -3.26 -4.23 -7.96
C PRO A 5 -3.54 -5.64 -7.45
N TRP A 6 -2.51 -6.46 -7.34
CA TRP A 6 -2.64 -7.82 -6.87
C TRP A 6 -1.75 -8.08 -5.65
N ASN A 7 -0.57 -7.47 -5.66
CA ASN A 7 0.38 -7.63 -4.56
C ASN A 7 0.16 -6.56 -3.50
N ALA A 8 -0.87 -6.74 -2.68
CA ALA A 8 -1.18 -5.79 -1.62
C ALA A 8 -0.28 -6.00 -0.41
N TYR A 9 0.16 -7.25 -0.21
CA TYR A 9 1.02 -7.58 0.91
C TYR A 9 2.30 -6.76 0.88
N GLU A 10 2.71 -6.36 -0.32
CA GLU A 10 3.93 -5.57 -0.49
C GLU A 10 3.73 -4.15 0.04
N CYS A 11 2.81 -3.42 -0.59
CA CYS A 11 2.52 -2.05 -0.19
C CYS A 11 2.01 -2.00 1.24
N ASP A 12 1.34 -3.07 1.67
CA ASP A 12 0.80 -3.15 3.02
C ASP A 12 1.92 -3.31 4.05
N ARG A 13 2.64 -4.41 3.96
CA ARG A 13 3.74 -4.69 4.88
C ARG A 13 4.76 -3.57 4.85
N HIS A 14 4.80 -2.82 3.75
CA HIS A 14 5.73 -1.72 3.60
C HIS A 14 5.57 -0.71 4.73
N CYS A 15 4.32 -0.39 5.05
CA CYS A 15 4.02 0.57 6.11
C CYS A 15 3.87 -0.14 7.45
N VAL A 16 3.35 -1.36 7.42
CA VAL A 16 3.15 -2.14 8.63
C VAL A 16 4.43 -2.21 9.45
N SER A 17 5.56 -2.16 8.76
CA SER A 17 6.87 -2.22 9.43
C SER A 17 7.21 -0.89 10.09
N LYS A 18 6.81 0.21 9.45
CA LYS A 18 7.07 1.54 9.96
C LYS A 18 6.21 1.81 11.20
N GLY A 19 4.98 1.32 11.18
CA GLY A 19 4.08 1.52 12.30
C GLY A 19 2.64 1.67 11.88
N TYR A 20 2.42 2.39 10.78
CA TYR A 20 1.08 2.60 10.26
C TYR A 20 0.33 1.28 10.09
N THR A 21 -0.99 1.36 9.95
CA THR A 21 -1.81 0.17 9.78
C THR A 21 -1.37 -0.63 8.56
N GLY A 22 -0.85 0.06 7.56
CA GLY A 22 -0.40 -0.61 6.35
C GLY A 22 -0.65 0.22 5.10
N GLY A 23 0.20 0.05 4.09
CA GLY A 23 0.05 0.79 2.85
C GLY A 23 -0.87 0.10 1.86
N ASN A 24 -1.94 0.78 1.47
CA ASN A 24 -2.90 0.23 0.52
C ASN A 24 -3.04 1.12 -0.70
N CYS A 25 -3.30 0.51 -1.85
CA CYS A 25 -3.46 1.26 -3.09
C CYS A 25 -4.92 1.33 -3.50
N ARG A 26 -5.34 2.48 -4.01
CA ARG A 26 -6.72 2.68 -4.43
C ARG A 26 -6.77 3.55 -5.68
N GLY A 27 -7.99 3.94 -6.07
CA GLY A 27 -8.17 4.76 -7.26
C GLY A 27 -8.21 6.24 -6.92
N LYS A 28 -7.55 6.62 -5.84
CA LYS A 28 -7.51 8.02 -5.41
C LYS A 28 -7.09 8.92 -6.56
N ILE A 29 -6.14 8.45 -7.35
CA ILE A 29 -5.65 9.22 -8.49
C ILE A 29 -5.09 8.31 -9.58
N ARG A 30 -5.98 7.53 -10.20
CA ARG A 30 -5.58 6.60 -11.26
C ARG A 30 -4.63 5.53 -10.71
N GLN A 31 -5.09 4.81 -9.70
CA GLN A 31 -4.28 3.76 -9.09
C GLN A 31 -3.02 4.34 -8.44
N THR A 32 -3.00 4.35 -7.11
CA THR A 32 -1.86 4.88 -6.37
C THR A 32 -1.82 4.31 -4.95
N CYS A 33 -0.61 4.13 -4.43
CA CYS A 33 -0.43 3.60 -3.08
C CYS A 33 -0.53 4.71 -2.05
N HIS A 34 -0.98 4.35 -0.85
CA HIS A 34 -1.11 5.32 0.23
C HIS A 34 -1.16 4.61 1.59
N CYS A 35 -0.44 5.16 2.57
CA CYS A 35 -0.39 4.59 3.90
C CYS A 35 -1.28 5.37 4.87
N TYR A 36 -2.05 4.65 5.67
CA TYR A 36 -2.94 5.28 6.64
C TYR A 36 -3.35 4.29 7.73
N GLY A 1 8.55 -0.36 -6.17
CA GLY A 1 7.35 -0.10 -6.94
C GLY A 1 7.02 -1.23 -7.90
N PHE A 2 6.30 -2.23 -7.41
CA PHE A 2 5.91 -3.38 -8.22
C PHE A 2 4.77 -4.14 -7.58
N GLY A 3 3.92 -3.43 -6.83
CA GLY A 3 2.79 -4.06 -6.17
C GLY A 3 1.72 -3.06 -5.80
N CYS A 4 0.46 -3.49 -5.94
CA CYS A 4 -0.67 -2.63 -5.62
C CYS A 4 -1.99 -3.35 -5.87
N PRO A 5 -2.22 -3.74 -7.14
CA PRO A 5 -3.44 -4.44 -7.53
C PRO A 5 -3.50 -5.86 -6.98
N TRP A 6 -2.39 -6.59 -7.08
CA TRP A 6 -2.32 -7.96 -6.59
C TRP A 6 -1.22 -8.10 -5.55
N ASN A 7 -0.14 -7.35 -5.73
CA ASN A 7 1.00 -7.40 -4.80
C ASN A 7 0.83 -6.34 -3.71
N ALA A 8 -0.41 -5.94 -3.45
CA ALA A 8 -0.69 -4.94 -2.43
C ALA A 8 -0.02 -5.30 -1.11
N TYR A 9 0.10 -6.60 -0.85
CA TYR A 9 0.71 -7.08 0.38
C TYR A 9 2.10 -6.47 0.58
N GLU A 10 2.75 -6.13 -0.53
CA GLU A 10 4.08 -5.54 -0.49
C GLU A 10 4.03 -4.16 0.13
N CYS A 11 3.17 -3.30 -0.40
CA CYS A 11 3.03 -1.94 0.10
C CYS A 11 2.51 -1.94 1.54
N ASP A 12 1.81 -3.00 1.91
CA ASP A 12 1.27 -3.12 3.26
C ASP A 12 2.38 -3.37 4.27
N ARG A 13 3.08 -4.49 4.12
CA ARG A 13 4.17 -4.83 5.03
C ARG A 13 5.18 -3.70 5.12
N HIS A 14 5.29 -2.91 4.05
CA HIS A 14 6.22 -1.79 4.02
C HIS A 14 5.87 -0.76 5.09
N CYS A 15 4.57 -0.52 5.28
CA CYS A 15 4.10 0.45 6.26
C CYS A 15 3.87 -0.23 7.61
N VAL A 16 3.50 -1.51 7.57
CA VAL A 16 3.24 -2.27 8.78
C VAL A 16 4.48 -2.32 9.67
N SER A 17 5.65 -2.17 9.06
CA SER A 17 6.91 -2.20 9.80
C SER A 17 7.17 -0.87 10.48
N LYS A 18 6.75 0.21 9.84
CA LYS A 18 6.94 1.55 10.39
C LYS A 18 6.08 1.75 11.63
N GLY A 19 4.86 1.22 11.60
CA GLY A 19 3.97 1.35 12.72
C GLY A 19 2.52 1.51 12.30
N TYR A 20 2.31 2.07 11.12
CA TYR A 20 0.96 2.28 10.59
C TYR A 20 0.26 0.95 10.36
N THR A 21 -1.06 1.02 10.15
CA THR A 21 -1.86 -0.17 9.92
C THR A 21 -1.38 -0.92 8.67
N GLY A 22 -0.86 -0.17 7.71
CA GLY A 22 -0.37 -0.78 6.48
C GLY A 22 -0.61 0.11 5.27
N GLY A 23 0.32 0.06 4.32
CA GLY A 23 0.20 0.87 3.12
C GLY A 23 -0.60 0.19 2.03
N ASN A 24 -1.76 0.76 1.72
CA ASN A 24 -2.63 0.19 0.68
C ASN A 24 -2.77 1.14 -0.50
N CYS A 25 -3.13 0.60 -1.65
CA CYS A 25 -3.31 1.40 -2.85
C CYS A 25 -4.79 1.65 -3.13
N ARG A 26 -5.09 2.83 -3.66
CA ARG A 26 -6.47 3.20 -3.97
C ARG A 26 -6.54 4.05 -5.23
N GLY A 27 -7.75 4.40 -5.64
CA GLY A 27 -7.92 5.20 -6.84
C GLY A 27 -7.99 6.69 -6.53
N LYS A 28 -7.17 7.13 -5.58
CA LYS A 28 -7.14 8.53 -5.18
C LYS A 28 -6.97 9.43 -6.40
N ILE A 29 -6.22 8.95 -7.39
CA ILE A 29 -5.98 9.71 -8.61
C ILE A 29 -5.74 8.78 -9.80
N ARG A 30 -5.03 7.69 -9.57
CA ARG A 30 -4.74 6.72 -10.62
C ARG A 30 -3.99 5.52 -10.06
N GLN A 31 -4.57 4.88 -9.05
CA GLN A 31 -3.94 3.72 -8.43
C GLN A 31 -2.62 4.09 -7.76
N THR A 32 -2.70 4.69 -6.59
CA THR A 32 -1.50 5.11 -5.85
C THR A 32 -1.49 4.53 -4.44
N CYS A 33 -0.30 4.25 -3.93
CA CYS A 33 -0.14 3.68 -2.60
C CYS A 33 -0.27 4.77 -1.53
N HIS A 34 -0.70 4.37 -0.34
CA HIS A 34 -0.87 5.31 0.76
C HIS A 34 -0.88 4.57 2.10
N CYS A 35 -0.33 5.21 3.13
CA CYS A 35 -0.28 4.62 4.47
C CYS A 35 -1.45 5.10 5.32
N TYR A 36 -2.11 4.16 6.00
CA TYR A 36 -3.24 4.49 6.85
C TYR A 36 -2.94 4.15 8.31
N GLY A 1 5.11 0.97 -8.45
CA GLY A 1 5.30 -0.05 -7.44
C GLY A 1 5.12 -1.45 -7.99
N PHE A 2 5.71 -2.44 -7.33
CA PHE A 2 5.61 -3.83 -7.76
C PHE A 2 4.58 -4.57 -6.92
N GLY A 3 3.36 -4.03 -6.85
CA GLY A 3 2.31 -4.66 -6.08
C GLY A 3 1.21 -3.69 -5.69
N CYS A 4 -0.03 -4.16 -5.72
CA CYS A 4 -1.17 -3.32 -5.37
C CYS A 4 -2.48 -4.11 -5.49
N PRO A 5 -2.76 -4.58 -6.73
CA PRO A 5 -3.97 -5.34 -7.01
C PRO A 5 -3.95 -6.74 -6.36
N TRP A 6 -2.82 -7.42 -6.51
CA TRP A 6 -2.67 -8.75 -5.94
C TRP A 6 -1.50 -8.81 -4.97
N ASN A 7 -0.46 -8.02 -5.25
CA ASN A 7 0.72 -7.98 -4.40
C ASN A 7 0.59 -6.87 -3.36
N ALA A 8 -0.64 -6.49 -3.06
CA ALA A 8 -0.90 -5.44 -2.07
C ALA A 8 -0.17 -5.72 -0.77
N TYR A 9 -0.01 -7.00 -0.45
CA TYR A 9 0.67 -7.40 0.78
C TYR A 9 2.05 -6.76 0.86
N GLU A 10 2.64 -6.47 -0.29
CA GLU A 10 3.96 -5.86 -0.34
C GLU A 10 3.91 -4.42 0.15
N CYS A 11 2.95 -3.66 -0.36
CA CYS A 11 2.80 -2.26 0.03
C CYS A 11 2.23 -2.15 1.44
N ASP A 12 1.50 -3.18 1.86
CA ASP A 12 0.90 -3.20 3.19
C ASP A 12 1.96 -3.39 4.27
N ARG A 13 2.73 -4.47 4.15
CA ARG A 13 3.78 -4.76 5.11
C ARG A 13 4.79 -3.62 5.18
N HIS A 14 4.84 -2.82 4.13
CA HIS A 14 5.77 -1.70 4.05
C HIS A 14 5.50 -0.72 5.20
N CYS A 15 4.22 -0.43 5.44
CA CYS A 15 3.84 0.50 6.50
C CYS A 15 3.62 -0.24 7.81
N VAL A 16 3.04 -1.44 7.72
CA VAL A 16 2.78 -2.25 8.90
C VAL A 16 4.03 -2.40 9.77
N SER A 17 5.18 -2.36 9.13
CA SER A 17 6.45 -2.48 9.84
C SER A 17 6.76 -1.22 10.62
N LYS A 18 6.41 -0.07 10.06
CA LYS A 18 6.65 1.22 10.70
C LYS A 18 5.75 1.38 11.92
N GLY A 19 4.52 0.89 11.81
CA GLY A 19 3.58 1.00 12.92
C GLY A 19 2.19 1.38 12.46
N TYR A 20 2.09 1.94 11.26
CA TYR A 20 0.80 2.35 10.71
C TYR A 20 -0.07 1.14 10.43
N THR A 21 -1.25 1.39 9.84
CA THR A 21 -2.19 0.32 9.52
C THR A 21 -1.68 -0.52 8.37
N GLY A 22 -1.15 0.14 7.33
CA GLY A 22 -0.63 -0.57 6.18
C GLY A 22 -0.71 0.25 4.91
N GLY A 23 0.28 0.08 4.03
CA GLY A 23 0.29 0.82 2.79
C GLY A 23 -0.61 0.21 1.73
N ASN A 24 -1.77 0.83 1.53
CA ASN A 24 -2.73 0.33 0.54
C ASN A 24 -2.84 1.29 -0.63
N CYS A 25 -3.25 0.77 -1.78
CA CYS A 25 -3.39 1.57 -2.98
C CYS A 25 -4.85 1.99 -3.19
N ARG A 26 -5.04 3.18 -3.78
CA ARG A 26 -6.38 3.69 -4.03
C ARG A 26 -6.41 4.54 -5.30
N GLY A 27 -7.60 4.99 -5.68
CA GLY A 27 -7.73 5.81 -6.87
C GLY A 27 -7.65 7.29 -6.57
N LYS A 28 -6.77 7.65 -5.63
CA LYS A 28 -6.60 9.06 -5.24
C LYS A 28 -6.37 9.94 -6.47
N ILE A 29 -5.68 9.38 -7.47
CA ILE A 29 -5.40 10.12 -8.69
C ILE A 29 -5.28 9.17 -9.88
N ARG A 30 -4.66 8.03 -9.66
CA ARG A 30 -4.47 7.03 -10.71
C ARG A 30 -3.81 5.77 -10.16
N GLN A 31 -4.43 5.17 -9.15
CA GLN A 31 -3.91 3.96 -8.54
C GLN A 31 -2.54 4.22 -7.91
N THR A 32 -2.55 4.81 -6.71
CA THR A 32 -1.31 5.12 -6.00
C THR A 32 -1.33 4.53 -4.59
N CYS A 33 -0.15 4.15 -4.10
CA CYS A 33 -0.02 3.58 -2.77
C CYS A 33 -0.04 4.67 -1.70
N HIS A 34 -0.49 4.31 -0.51
CA HIS A 34 -0.55 5.27 0.60
C HIS A 34 -0.64 4.54 1.93
N CYS A 35 0.03 5.07 2.94
CA CYS A 35 0.04 4.48 4.27
C CYS A 35 -1.00 5.15 5.17
N TYR A 36 -1.80 4.33 5.83
CA TYR A 36 -2.84 4.85 6.72
C TYR A 36 -2.31 5.00 8.15
N GLY A 1 4.77 1.50 -9.62
CA GLY A 1 4.11 0.53 -8.77
C GLY A 1 4.68 -0.86 -8.94
N PHE A 2 4.16 -1.81 -8.17
CA PHE A 2 4.63 -3.19 -8.23
C PHE A 2 3.84 -4.07 -7.27
N GLY A 3 2.56 -3.76 -7.10
CA GLY A 3 1.72 -4.53 -6.21
C GLY A 3 0.54 -3.74 -5.68
N CYS A 4 -0.61 -4.40 -5.56
CA CYS A 4 -1.82 -3.74 -5.07
C CYS A 4 -3.00 -4.71 -5.06
N PRO A 5 -3.34 -5.23 -6.25
CA PRO A 5 -4.46 -6.17 -6.40
C PRO A 5 -4.15 -7.54 -5.78
N TRP A 6 -2.95 -8.04 -6.06
CA TRP A 6 -2.53 -9.34 -5.53
C TRP A 6 -1.27 -9.21 -4.69
N ASN A 7 -0.40 -8.28 -5.10
CA ASN A 7 0.85 -8.05 -4.38
C ASN A 7 0.68 -6.97 -3.31
N ALA A 8 -0.56 -6.77 -2.88
CA ALA A 8 -0.86 -5.77 -1.86
C ALA A 8 0.03 -5.94 -0.64
N TYR A 9 0.42 -7.19 -0.36
CA TYR A 9 1.28 -7.49 0.77
C TYR A 9 2.56 -6.66 0.73
N GLU A 10 2.99 -6.31 -0.48
CA GLU A 10 4.19 -5.53 -0.67
C GLU A 10 4.02 -4.12 -0.10
N CYS A 11 3.07 -3.38 -0.65
CA CYS A 11 2.80 -2.01 -0.19
C CYS A 11 2.26 -2.02 1.24
N ASP A 12 1.63 -3.12 1.62
CA ASP A 12 1.06 -3.25 2.96
C ASP A 12 2.16 -3.41 4.01
N ARG A 13 2.94 -4.48 3.87
CA ARG A 13 4.04 -4.74 4.81
C ARG A 13 5.03 -3.59 4.83
N HIS A 14 5.01 -2.77 3.77
CA HIS A 14 5.91 -1.63 3.68
C HIS A 14 5.70 -0.67 4.85
N CYS A 15 4.45 -0.41 5.16
CA CYS A 15 4.11 0.50 6.26
C CYS A 15 3.97 -0.27 7.58
N VAL A 16 3.50 -1.50 7.48
CA VAL A 16 3.32 -2.34 8.65
C VAL A 16 4.58 -2.38 9.51
N SER A 17 5.73 -2.24 8.85
CA SER A 17 7.01 -2.26 9.55
C SER A 17 7.26 -0.93 10.26
N LYS A 18 6.84 0.16 9.63
CA LYS A 18 7.02 1.49 10.20
C LYS A 18 6.13 1.67 11.44
N GLY A 19 4.93 1.12 11.38
CA GLY A 19 4.01 1.23 12.49
C GLY A 19 2.56 1.24 12.06
N TYR A 20 2.28 1.94 10.96
CA TYR A 20 0.92 2.03 10.44
C TYR A 20 0.34 0.64 10.19
N THR A 21 -0.96 0.60 9.89
CA THR A 21 -1.63 -0.67 9.64
C THR A 21 -1.13 -1.32 8.36
N GLY A 22 -0.71 -0.49 7.40
CA GLY A 22 -0.20 -1.01 6.14
C GLY A 22 -0.44 -0.06 4.99
N GLY A 23 0.46 -0.07 4.01
CA GLY A 23 0.33 0.81 2.87
C GLY A 23 -0.58 0.23 1.80
N ASN A 24 -1.82 0.69 1.76
CA ASN A 24 -2.79 0.21 0.77
C ASN A 24 -2.99 1.24 -0.33
N CYS A 25 -2.97 0.78 -1.58
CA CYS A 25 -3.16 1.65 -2.73
C CYS A 25 -4.62 1.65 -3.18
N ARG A 26 -4.98 2.64 -3.99
CA ARG A 26 -6.34 2.76 -4.50
C ARG A 26 -6.39 3.59 -5.77
N GLY A 27 -7.59 3.80 -6.30
CA GLY A 27 -7.73 4.58 -7.51
C GLY A 27 -7.95 6.06 -7.23
N LYS A 28 -7.19 6.60 -6.29
CA LYS A 28 -7.30 8.00 -5.92
C LYS A 28 -6.79 8.90 -7.04
N ILE A 29 -5.67 8.52 -7.63
CA ILE A 29 -5.07 9.29 -8.71
C ILE A 29 -4.24 8.40 -9.63
N ARG A 30 -4.91 7.62 -10.46
CA ARG A 30 -4.24 6.71 -11.39
C ARG A 30 -3.44 5.65 -10.63
N GLN A 31 -4.09 5.02 -9.66
CA GLN A 31 -3.44 3.98 -8.87
C GLN A 31 -2.28 4.57 -8.07
N THR A 32 -2.48 4.71 -6.77
CA THR A 32 -1.45 5.25 -5.89
C THR A 32 -1.49 4.60 -4.51
N CYS A 33 -0.33 4.42 -3.90
CA CYS A 33 -0.24 3.82 -2.58
C CYS A 33 -0.58 4.82 -1.49
N HIS A 34 -1.22 4.35 -0.43
CA HIS A 34 -1.60 5.20 0.69
C HIS A 34 -1.51 4.45 2.01
N CYS A 35 -0.78 5.02 2.96
CA CYS A 35 -0.60 4.40 4.27
C CYS A 35 -1.59 4.98 5.27
N TYR A 36 -2.30 4.10 5.98
CA TYR A 36 -3.27 4.53 6.98
C TYR A 36 -3.68 3.36 7.86
N GLY A 1 7.69 0.99 -7.77
CA GLY A 1 6.69 0.12 -7.17
C GLY A 1 6.41 -1.11 -8.02
N PHE A 2 6.21 -2.24 -7.36
CA PHE A 2 5.92 -3.49 -8.06
C PHE A 2 4.81 -4.26 -7.36
N GLY A 3 3.87 -3.53 -6.75
CA GLY A 3 2.77 -4.17 -6.06
C GLY A 3 1.70 -3.18 -5.64
N CYS A 4 0.45 -3.60 -5.75
CA CYS A 4 -0.68 -2.74 -5.38
C CYS A 4 -2.01 -3.44 -5.63
N PRO A 5 -2.25 -3.81 -6.90
CA PRO A 5 -3.48 -4.50 -7.29
C PRO A 5 -3.55 -5.93 -6.77
N TRP A 6 -2.44 -6.65 -6.91
CA TRP A 6 -2.38 -8.04 -6.45
C TRP A 6 -1.26 -8.21 -5.43
N ASN A 7 -0.18 -7.46 -5.59
CA ASN A 7 0.95 -7.53 -4.67
C ASN A 7 0.81 -6.50 -3.55
N ALA A 8 -0.43 -6.14 -3.24
CA ALA A 8 -0.71 -5.18 -2.19
C ALA A 8 0.03 -5.54 -0.90
N TYR A 9 0.20 -6.84 -0.69
CA TYR A 9 0.90 -7.33 0.51
C TYR A 9 2.25 -6.65 0.68
N GLU A 10 2.85 -6.25 -0.44
CA GLU A 10 4.15 -5.59 -0.43
C GLU A 10 4.02 -4.18 0.15
N CYS A 11 3.12 -3.39 -0.41
CA CYS A 11 2.91 -2.02 0.04
C CYS A 11 2.34 -2.01 1.45
N ASP A 12 1.65 -3.07 1.82
CA ASP A 12 1.05 -3.18 3.16
C ASP A 12 2.13 -3.35 4.22
N ARG A 13 2.90 -4.43 4.10
CA ARG A 13 3.97 -4.71 5.04
C ARG A 13 5.00 -3.59 5.06
N HIS A 14 5.02 -2.79 4.00
CA HIS A 14 5.95 -1.68 3.88
C HIS A 14 5.77 -0.70 5.04
N CYS A 15 4.51 -0.39 5.36
CA CYS A 15 4.20 0.54 6.43
C CYS A 15 4.03 -0.20 7.76
N VAL A 16 3.54 -1.42 7.68
CA VAL A 16 3.33 -2.24 8.88
C VAL A 16 4.60 -2.30 9.72
N SER A 17 5.75 -2.19 9.07
CA SER A 17 7.03 -2.25 9.77
C SER A 17 7.33 -0.91 10.43
N LYS A 18 6.92 0.18 9.78
CA LYS A 18 7.15 1.52 10.31
C LYS A 18 6.27 1.77 11.54
N GLY A 19 5.05 1.25 11.51
CA GLY A 19 4.13 1.43 12.62
C GLY A 19 2.69 1.56 12.17
N TYR A 20 2.48 2.30 11.08
CA TYR A 20 1.14 2.51 10.55
C TYR A 20 0.42 1.17 10.34
N THR A 21 -0.90 1.23 10.22
CA THR A 21 -1.70 0.03 10.02
C THR A 21 -1.23 -0.75 8.80
N GLY A 22 -0.72 -0.03 7.82
CA GLY A 22 -0.23 -0.67 6.61
C GLY A 22 -0.40 0.20 5.38
N GLY A 23 0.43 -0.03 4.37
CA GLY A 23 0.34 0.74 3.14
C GLY A 23 -0.55 0.10 2.11
N ASN A 24 -1.67 0.76 1.81
CA ASN A 24 -2.62 0.25 0.83
C ASN A 24 -2.80 1.24 -0.32
N CYS A 25 -3.07 0.71 -1.51
CA CYS A 25 -3.26 1.53 -2.70
C CYS A 25 -4.74 1.76 -2.97
N ARG A 26 -5.05 2.88 -3.61
CA ARG A 26 -6.43 3.22 -3.93
C ARG A 26 -6.50 4.09 -5.18
N GLY A 27 -7.72 4.29 -5.69
CA GLY A 27 -7.90 5.10 -6.88
C GLY A 27 -8.07 6.57 -6.56
N LYS A 28 -7.19 7.10 -5.71
CA LYS A 28 -7.26 8.50 -5.32
C LYS A 28 -6.66 9.40 -6.41
N ILE A 29 -5.64 8.89 -7.10
CA ILE A 29 -4.99 9.65 -8.16
C ILE A 29 -4.35 8.71 -9.18
N ARG A 30 -5.17 8.14 -10.04
CA ARG A 30 -4.68 7.21 -11.07
C ARG A 30 -4.07 5.97 -10.44
N GLN A 31 -4.67 5.51 -9.34
CA GLN A 31 -4.18 4.33 -8.65
C GLN A 31 -2.78 4.57 -8.09
N THR A 32 -2.70 4.71 -6.77
CA THR A 32 -1.42 4.95 -6.11
C THR A 32 -1.42 4.37 -4.69
N CYS A 33 -0.22 4.20 -4.13
CA CYS A 33 -0.08 3.65 -2.79
C CYS A 33 -0.26 4.74 -1.74
N HIS A 34 -0.73 4.34 -0.56
CA HIS A 34 -0.96 5.28 0.54
C HIS A 34 -1.02 4.56 1.87
N CYS A 35 -0.36 5.12 2.88
CA CYS A 35 -0.33 4.53 4.21
C CYS A 35 -1.33 5.21 5.14
N TYR A 36 -2.06 4.42 5.90
CA TYR A 36 -3.05 4.95 6.84
C TYR A 36 -2.52 4.94 8.27
N GLY A 1 6.77 0.72 -7.75
CA GLY A 1 5.66 -0.02 -7.17
C GLY A 1 5.50 -1.40 -7.78
N PHE A 2 5.71 -2.43 -6.98
CA PHE A 2 5.58 -3.80 -7.45
C PHE A 2 4.55 -4.57 -6.64
N GLY A 3 3.32 -4.06 -6.63
CA GLY A 3 2.25 -4.71 -5.89
C GLY A 3 1.15 -3.74 -5.51
N CYS A 4 -0.09 -4.22 -5.56
CA CYS A 4 -1.24 -3.40 -5.22
C CYS A 4 -2.54 -4.18 -5.38
N PRO A 5 -2.81 -4.64 -6.62
CA PRO A 5 -4.01 -5.42 -6.93
C PRO A 5 -3.99 -6.81 -6.32
N TRP A 6 -2.85 -7.49 -6.43
CA TRP A 6 -2.70 -8.83 -5.89
C TRP A 6 -1.55 -8.89 -4.89
N ASN A 7 -0.51 -8.09 -5.16
CA ASN A 7 0.66 -8.06 -4.28
C ASN A 7 0.51 -6.96 -3.23
N ALA A 8 -0.73 -6.59 -2.95
CA ALA A 8 -1.01 -5.55 -1.96
C ALA A 8 -0.29 -5.84 -0.64
N TYR A 9 -0.13 -7.12 -0.32
CA TYR A 9 0.53 -7.54 0.90
C TYR A 9 1.91 -6.90 1.02
N GLU A 10 2.51 -6.61 -0.13
CA GLU A 10 3.83 -5.99 -0.16
C GLU A 10 3.76 -4.53 0.27
N CYS A 11 2.85 -3.78 -0.32
CA CYS A 11 2.67 -2.37 0.00
C CYS A 11 2.06 -2.20 1.39
N ASP A 12 1.36 -3.23 1.85
CA ASP A 12 0.71 -3.20 3.16
C ASP A 12 1.73 -3.44 4.26
N ARG A 13 2.44 -4.57 4.17
CA ARG A 13 3.45 -4.92 5.17
C ARG A 13 4.51 -3.83 5.28
N HIS A 14 4.66 -3.04 4.22
CA HIS A 14 5.63 -1.96 4.20
C HIS A 14 5.39 -0.98 5.36
N CYS A 15 4.13 -0.65 5.58
CA CYS A 15 3.76 0.27 6.65
C CYS A 15 3.48 -0.48 7.95
N VAL A 16 2.97 -1.71 7.82
CA VAL A 16 2.66 -2.54 8.98
C VAL A 16 3.87 -2.64 9.91
N SER A 17 5.06 -2.55 9.35
CA SER A 17 6.29 -2.64 10.13
C SER A 17 6.57 -1.33 10.85
N LYS A 18 6.31 -0.22 10.17
CA LYS A 18 6.53 1.11 10.74
C LYS A 18 5.59 1.35 11.92
N GLY A 19 4.35 0.88 11.79
CA GLY A 19 3.38 1.07 12.85
C GLY A 19 1.97 1.22 12.32
N TYR A 20 1.82 1.97 11.25
CA TYR A 20 0.51 2.21 10.64
C TYR A 20 -0.20 0.88 10.38
N THR A 21 -1.50 0.97 10.07
CA THR A 21 -2.29 -0.21 9.80
C THR A 21 -1.78 -0.96 8.58
N GLY A 22 -1.19 -0.21 7.65
CA GLY A 22 -0.66 -0.82 6.43
C GLY A 22 -0.84 0.07 5.22
N GLY A 23 0.12 0.00 4.30
CA GLY A 23 0.04 0.81 3.10
C GLY A 23 -0.77 0.15 2.00
N ASN A 24 -1.85 0.81 1.60
CA ASN A 24 -2.73 0.27 0.55
C ASN A 24 -2.81 1.24 -0.63
N CYS A 25 -3.30 0.75 -1.76
CA CYS A 25 -3.44 1.57 -2.96
C CYS A 25 -4.89 1.95 -3.19
N ARG A 26 -5.13 3.25 -3.36
CA ARG A 26 -6.49 3.74 -3.58
C ARG A 26 -6.55 4.54 -4.88
N GLY A 27 -7.76 5.01 -5.22
CA GLY A 27 -7.94 5.77 -6.44
C GLY A 27 -7.82 7.26 -6.21
N LYS A 28 -6.93 7.65 -5.30
CA LYS A 28 -6.73 9.06 -4.99
C LYS A 28 -6.50 9.88 -6.26
N ILE A 29 -5.91 9.24 -7.27
CA ILE A 29 -5.64 9.90 -8.53
C ILE A 29 -5.58 8.90 -9.68
N ARG A 30 -4.96 7.76 -9.42
CA ARG A 30 -4.83 6.71 -10.43
C ARG A 30 -4.16 5.47 -9.86
N GLN A 31 -4.75 4.92 -8.80
CA GLN A 31 -4.20 3.73 -8.14
C GLN A 31 -2.82 4.02 -7.56
N THR A 32 -2.80 4.81 -6.49
CA THR A 32 -1.55 5.16 -5.82
C THR A 32 -1.48 4.56 -4.43
N CYS A 33 -0.29 4.12 -4.04
CA CYS A 33 -0.09 3.52 -2.73
C CYS A 33 0.05 4.61 -1.65
N HIS A 34 -0.46 4.32 -0.46
CA HIS A 34 -0.41 5.26 0.65
C HIS A 34 -0.59 4.55 1.98
N CYS A 35 -0.07 5.14 3.05
CA CYS A 35 -0.18 4.56 4.38
C CYS A 35 -1.28 5.25 5.18
N TYR A 36 -2.20 4.44 5.71
CA TYR A 36 -3.31 4.96 6.49
C TYR A 36 -4.02 3.84 7.24
N GLY A 1 6.43 1.03 -8.14
CA GLY A 1 5.95 0.13 -7.11
C GLY A 1 5.80 -1.29 -7.60
N PHE A 2 6.24 -2.25 -6.80
CA PHE A 2 6.15 -3.66 -7.15
C PHE A 2 5.04 -4.35 -6.37
N GLY A 3 3.80 -3.87 -6.57
CA GLY A 3 2.67 -4.46 -5.88
C GLY A 3 1.63 -3.43 -5.50
N CYS A 4 0.37 -3.80 -5.62
CA CYS A 4 -0.73 -2.90 -5.29
C CYS A 4 -2.08 -3.57 -5.56
N PRO A 5 -2.32 -3.94 -6.82
CA PRO A 5 -3.57 -4.60 -7.22
C PRO A 5 -3.69 -6.01 -6.68
N TRP A 6 -2.62 -6.79 -6.78
CA TRP A 6 -2.60 -8.16 -6.29
C TRP A 6 -1.51 -8.35 -5.25
N ASN A 7 -0.41 -7.63 -5.41
CA ASN A 7 0.71 -7.73 -4.47
C ASN A 7 0.58 -6.68 -3.37
N ALA A 8 -0.65 -6.27 -3.09
CA ALA A 8 -0.90 -5.27 -2.05
C ALA A 8 -0.20 -5.64 -0.75
N TYR A 9 -0.07 -6.94 -0.51
CA TYR A 9 0.58 -7.42 0.71
C TYR A 9 1.96 -6.78 0.88
N GLU A 10 2.58 -6.43 -0.23
CA GLU A 10 3.90 -5.80 -0.20
C GLU A 10 3.82 -4.38 0.33
N CYS A 11 2.94 -3.57 -0.27
CA CYS A 11 2.76 -2.19 0.15
C CYS A 11 2.17 -2.12 1.55
N ASP A 12 1.44 -3.16 1.94
CA ASP A 12 0.83 -3.21 3.26
C ASP A 12 1.88 -3.41 4.34
N ARG A 13 2.61 -4.52 4.27
CA ARG A 13 3.64 -4.83 5.25
C ARG A 13 4.72 -3.74 5.25
N HIS A 14 4.79 -2.97 4.16
CA HIS A 14 5.77 -1.90 4.05
C HIS A 14 5.60 -0.88 5.17
N CYS A 15 4.36 -0.52 5.46
CA CYS A 15 4.07 0.45 6.51
C CYS A 15 3.85 -0.26 7.84
N VAL A 16 3.29 -1.46 7.79
CA VAL A 16 3.04 -2.25 9.00
C VAL A 16 4.28 -2.33 9.87
N SER A 17 5.45 -2.29 9.23
CA SER A 17 6.71 -2.37 9.95
C SER A 17 7.06 -1.04 10.61
N LYS A 18 6.76 0.05 9.90
CA LYS A 18 7.03 1.39 10.42
C LYS A 18 6.16 1.69 11.62
N GLY A 19 4.91 1.24 11.58
CA GLY A 19 4.00 1.48 12.68
C GLY A 19 2.56 1.62 12.22
N TYR A 20 2.37 2.33 11.11
CA TYR A 20 1.02 2.55 10.56
C TYR A 20 0.28 1.22 10.41
N THR A 21 -1.00 1.31 10.11
CA THR A 21 -1.84 0.12 9.94
C THR A 21 -1.38 -0.68 8.72
N GLY A 22 -0.81 0.00 7.74
CA GLY A 22 -0.35 -0.67 6.54
C GLY A 22 -0.53 0.17 5.29
N GLY A 23 0.36 -0.01 4.32
CA GLY A 23 0.27 0.75 3.09
C GLY A 23 -0.65 0.11 2.08
N ASN A 24 -1.74 0.80 1.74
CA ASN A 24 -2.70 0.29 0.77
C ASN A 24 -2.82 1.22 -0.43
N CYS A 25 -3.17 0.66 -1.57
CA CYS A 25 -3.31 1.44 -2.80
C CYS A 25 -4.78 1.65 -3.14
N ARG A 26 -5.08 2.79 -3.76
CA ARG A 26 -6.45 3.11 -4.14
C ARG A 26 -6.49 3.90 -5.44
N GLY A 27 -7.70 4.25 -5.88
CA GLY A 27 -7.85 5.01 -7.11
C GLY A 27 -7.86 6.50 -6.88
N LYS A 28 -7.08 6.96 -5.91
CA LYS A 28 -7.00 8.38 -5.59
C LYS A 28 -6.52 9.19 -6.79
N ILE A 29 -5.58 8.62 -7.53
CA ILE A 29 -5.02 9.29 -8.70
C ILE A 29 -4.46 8.28 -9.71
N ARG A 30 -5.35 7.53 -10.34
CA ARG A 30 -4.94 6.53 -11.32
C ARG A 30 -4.12 5.43 -10.65
N GLN A 31 -4.66 4.87 -9.58
CA GLN A 31 -3.99 3.81 -8.85
C GLN A 31 -2.69 4.30 -8.23
N THR A 32 -2.66 4.36 -6.90
CA THR A 32 -1.48 4.83 -6.18
C THR A 32 -1.45 4.28 -4.76
N CYS A 33 -0.25 3.99 -4.27
CA CYS A 33 -0.08 3.45 -2.93
C CYS A 33 -0.06 4.58 -1.89
N HIS A 34 -0.52 4.27 -0.69
CA HIS A 34 -0.55 5.26 0.39
C HIS A 34 -0.66 4.57 1.75
N CYS A 35 -0.04 5.17 2.76
CA CYS A 35 -0.07 4.62 4.11
C CYS A 35 -1.06 5.37 4.99
N TYR A 36 -1.92 4.61 5.68
CA TYR A 36 -2.92 5.20 6.55
C TYR A 36 -3.56 4.13 7.44
N GLY A 1 7.41 0.16 -8.72
CA GLY A 1 6.49 -0.56 -7.85
C GLY A 1 6.79 -2.05 -7.80
N PHE A 2 5.91 -2.80 -7.16
CA PHE A 2 6.08 -4.25 -7.05
C PHE A 2 4.92 -4.87 -6.28
N GLY A 3 3.73 -4.31 -6.45
CA GLY A 3 2.56 -4.82 -5.77
C GLY A 3 1.55 -3.74 -5.44
N CYS A 4 0.27 -4.06 -5.57
CA CYS A 4 -0.80 -3.10 -5.29
C CYS A 4 -2.17 -3.72 -5.56
N PRO A 5 -2.40 -4.12 -6.81
CA PRO A 5 -3.66 -4.73 -7.22
C PRO A 5 -3.86 -6.13 -6.64
N TRP A 6 -2.81 -6.94 -6.71
CA TRP A 6 -2.87 -8.30 -6.18
C TRP A 6 -1.81 -8.51 -5.11
N ASN A 7 -0.66 -7.85 -5.27
CA ASN A 7 0.43 -7.96 -4.32
C ASN A 7 0.33 -6.88 -3.24
N ALA A 8 -0.88 -6.41 -3.00
CA ALA A 8 -1.12 -5.38 -1.99
C ALA A 8 -0.45 -5.74 -0.67
N TYR A 9 -0.38 -7.04 -0.39
CA TYR A 9 0.22 -7.51 0.85
C TYR A 9 1.62 -6.94 1.03
N GLU A 10 2.29 -6.66 -0.09
CA GLU A 10 3.63 -6.10 -0.05
C GLU A 10 3.61 -4.64 0.37
N CYS A 11 2.69 -3.87 -0.22
CA CYS A 11 2.57 -2.46 0.09
C CYS A 11 2.01 -2.26 1.50
N ASP A 12 1.22 -3.22 1.96
CA ASP A 12 0.62 -3.15 3.29
C ASP A 12 1.67 -3.38 4.37
N ARG A 13 2.34 -4.53 4.29
CA ARG A 13 3.38 -4.87 5.27
C ARG A 13 4.48 -3.81 5.28
N HIS A 14 4.59 -3.07 4.19
CA HIS A 14 5.61 -2.02 4.07
C HIS A 14 5.45 -0.99 5.19
N CYS A 15 4.21 -0.60 5.45
CA CYS A 15 3.92 0.39 6.49
C CYS A 15 3.67 -0.29 7.83
N VAL A 16 3.13 -1.50 7.78
CA VAL A 16 2.85 -2.26 9.00
C VAL A 16 4.10 -2.39 9.87
N SER A 17 5.26 -2.34 9.23
CA SER A 17 6.52 -2.46 9.95
C SER A 17 6.91 -1.13 10.59
N LYS A 18 6.59 -0.03 9.91
CA LYS A 18 6.90 1.31 10.41
C LYS A 18 6.03 1.65 11.61
N GLY A 19 4.77 1.22 11.57
CA GLY A 19 3.86 1.49 12.67
C GLY A 19 2.44 1.71 12.19
N TYR A 20 2.29 2.40 11.08
CA TYR A 20 0.97 2.68 10.52
C TYR A 20 0.15 1.39 10.38
N THR A 21 -1.14 1.55 10.10
CA THR A 21 -2.03 0.41 9.94
C THR A 21 -1.63 -0.44 8.74
N GLY A 22 -1.03 0.20 7.74
CA GLY A 22 -0.61 -0.52 6.55
C GLY A 22 -0.75 0.32 5.29
N GLY A 23 0.14 0.10 4.33
CA GLY A 23 0.09 0.85 3.08
C GLY A 23 -0.77 0.16 2.03
N ASN A 24 -1.86 0.82 1.65
CA ASN A 24 -2.76 0.27 0.64
C ASN A 24 -2.82 1.17 -0.59
N CYS A 25 -3.19 0.59 -1.72
CA CYS A 25 -3.28 1.33 -2.97
C CYS A 25 -4.74 1.57 -3.36
N ARG A 26 -5.02 2.75 -3.90
CA ARG A 26 -6.37 3.11 -4.30
C ARG A 26 -6.35 3.97 -5.57
N GLY A 27 -7.53 4.47 -5.95
CA GLY A 27 -7.62 5.30 -7.13
C GLY A 27 -7.51 6.78 -6.81
N LYS A 28 -6.73 7.11 -5.79
CA LYS A 28 -6.54 8.48 -5.39
C LYS A 28 -6.00 9.32 -6.54
N ILE A 29 -5.11 8.73 -7.33
CA ILE A 29 -4.51 9.43 -8.46
C ILE A 29 -4.06 8.43 -9.53
N ARG A 30 -5.02 7.77 -10.16
CA ARG A 30 -4.71 6.79 -11.20
C ARG A 30 -3.92 5.62 -10.62
N GLN A 31 -4.47 4.99 -9.60
CA GLN A 31 -3.81 3.85 -8.96
C GLN A 31 -2.49 4.27 -8.33
N THR A 32 -2.48 4.33 -6.99
CA THR A 32 -1.28 4.72 -6.27
C THR A 32 -1.31 4.19 -4.84
N CYS A 33 -0.13 3.90 -4.29
CA CYS A 33 -0.02 3.39 -2.93
C CYS A 33 -0.02 4.53 -1.92
N HIS A 34 -0.46 4.22 -0.70
CA HIS A 34 -0.51 5.22 0.36
C HIS A 34 -0.59 4.56 1.73
N CYS A 35 -0.05 5.23 2.74
CA CYS A 35 -0.05 4.70 4.10
C CYS A 35 -1.05 5.45 4.97
N TYR A 36 -1.93 4.69 5.63
CA TYR A 36 -2.95 5.27 6.49
C TYR A 36 -2.49 5.30 7.94
N GLY A 1 7.82 0.53 -6.54
CA GLY A 1 6.44 0.13 -6.33
C GLY A 1 6.11 -1.18 -7.02
N PHE A 2 6.36 -2.29 -6.33
CA PHE A 2 6.07 -3.61 -6.90
C PHE A 2 4.88 -4.26 -6.20
N GLY A 3 3.68 -3.80 -6.56
CA GLY A 3 2.47 -4.34 -5.95
C GLY A 3 1.48 -3.26 -5.57
N CYS A 4 0.20 -3.55 -5.74
CA CYS A 4 -0.86 -2.60 -5.42
C CYS A 4 -2.23 -3.17 -5.73
N PRO A 5 -2.46 -3.50 -7.01
CA PRO A 5 -3.72 -4.06 -7.48
C PRO A 5 -3.94 -5.49 -6.98
N TRP A 6 -2.91 -6.31 -7.08
CA TRP A 6 -2.99 -7.70 -6.64
C TRP A 6 -1.93 -7.99 -5.57
N ASN A 7 -0.77 -7.34 -5.70
CA ASN A 7 0.31 -7.53 -4.75
C ASN A 7 0.22 -6.51 -3.62
N ALA A 8 -0.99 -6.08 -3.30
CA ALA A 8 -1.20 -5.10 -2.24
C ALA A 8 -0.48 -5.52 -0.96
N TYR A 9 -0.37 -6.82 -0.76
CA TYR A 9 0.30 -7.36 0.43
C TYR A 9 1.67 -6.72 0.61
N GLU A 10 2.30 -6.35 -0.49
CA GLU A 10 3.62 -5.73 -0.45
C GLU A 10 3.55 -4.33 0.14
N CYS A 11 2.72 -3.49 -0.46
CA CYS A 11 2.56 -2.11 0.01
C CYS A 11 2.04 -2.08 1.45
N ASP A 12 1.34 -3.15 1.85
CA ASP A 12 0.81 -3.24 3.20
C ASP A 12 1.92 -3.51 4.20
N ARG A 13 2.56 -4.66 4.08
CA ARG A 13 3.65 -5.03 4.99
C ARG A 13 4.74 -3.97 4.99
N HIS A 14 4.83 -3.21 3.90
CA HIS A 14 5.84 -2.15 3.79
C HIS A 14 5.63 -1.10 4.86
N CYS A 15 4.37 -0.76 5.12
CA CYS A 15 4.04 0.25 6.13
C CYS A 15 3.84 -0.39 7.49
N VAL A 16 3.40 -1.65 7.49
CA VAL A 16 3.18 -2.38 8.73
C VAL A 16 4.44 -2.44 9.58
N SER A 17 5.59 -2.28 8.93
CA SER A 17 6.87 -2.33 9.63
C SER A 17 7.22 -0.96 10.21
N LYS A 18 6.89 0.09 9.47
CA LYS A 18 7.16 1.45 9.91
C LYS A 18 6.40 1.77 11.20
N GLY A 19 5.15 1.32 11.27
CA GLY A 19 4.33 1.56 12.44
C GLY A 19 2.86 1.73 12.10
N TYR A 20 2.58 2.28 10.92
CA TYR A 20 1.21 2.50 10.48
C TYR A 20 0.46 1.17 10.37
N THR A 21 -0.86 1.24 10.28
CA THR A 21 -1.69 0.05 10.15
C THR A 21 -1.32 -0.75 8.92
N GLY A 22 -0.83 -0.06 7.89
CA GLY A 22 -0.44 -0.73 6.66
C GLY A 22 -0.63 0.14 5.43
N GLY A 23 0.20 -0.07 4.42
CA GLY A 23 0.11 0.71 3.20
C GLY A 23 -0.80 0.07 2.18
N ASN A 24 -1.86 0.77 1.80
CA ASN A 24 -2.81 0.27 0.82
C ASN A 24 -2.93 1.22 -0.36
N CYS A 25 -3.21 0.67 -1.54
CA CYS A 25 -3.36 1.49 -2.74
C CYS A 25 -4.83 1.68 -3.09
N ARG A 26 -5.15 2.79 -3.75
CA ARG A 26 -6.52 3.10 -4.13
C ARG A 26 -6.55 3.99 -5.36
N GLY A 27 -7.75 4.21 -5.90
CA GLY A 27 -7.89 5.06 -7.08
C GLY A 27 -8.08 6.51 -6.73
N LYS A 28 -7.22 7.04 -5.86
CA LYS A 28 -7.30 8.43 -5.44
C LYS A 28 -6.69 9.35 -6.49
N ILE A 29 -5.66 8.85 -7.18
CA ILE A 29 -4.99 9.64 -8.21
C ILE A 29 -4.33 8.72 -9.24
N ARG A 30 -5.15 8.17 -10.14
CA ARG A 30 -4.63 7.28 -11.17
C ARG A 30 -4.03 6.01 -10.56
N GLN A 31 -4.65 5.53 -9.48
CA GLN A 31 -4.17 4.33 -8.80
C GLN A 31 -2.78 4.56 -8.21
N THR A 32 -2.72 4.67 -6.88
CA THR A 32 -1.46 4.89 -6.19
C THR A 32 -1.50 4.28 -4.79
N CYS A 33 -0.33 4.23 -4.16
CA CYS A 33 -0.22 3.68 -2.80
C CYS A 33 -0.40 4.77 -1.76
N HIS A 34 -0.87 4.37 -0.57
CA HIS A 34 -1.09 5.31 0.52
C HIS A 34 -1.14 4.58 1.86
N CYS A 35 -0.50 5.16 2.87
CA CYS A 35 -0.47 4.58 4.20
C CYS A 35 -1.50 5.23 5.11
N TYR A 36 -2.08 4.44 6.01
CA TYR A 36 -3.09 4.94 6.94
C TYR A 36 -2.55 4.97 8.36
N GLY A 1 6.19 -1.67 -3.13
CA GLY A 1 7.14 -1.68 -4.23
C GLY A 1 6.68 -2.53 -5.39
N PHE A 2 6.52 -3.83 -5.13
CA PHE A 2 6.09 -4.76 -6.17
C PHE A 2 4.69 -5.31 -5.86
N GLY A 3 3.83 -4.45 -5.30
CA GLY A 3 2.49 -4.86 -4.96
C GLY A 3 1.55 -3.69 -4.80
N CYS A 4 0.31 -3.88 -5.23
CA CYS A 4 -0.70 -2.82 -5.14
C CYS A 4 -2.02 -3.29 -5.73
N PRO A 5 -2.02 -3.63 -7.03
CA PRO A 5 -3.22 -4.09 -7.73
C PRO A 5 -3.66 -5.47 -7.27
N TRP A 6 -2.70 -6.38 -7.13
CA TRP A 6 -2.99 -7.74 -6.70
C TRP A 6 -2.20 -8.10 -5.44
N ASN A 7 -0.97 -7.60 -5.36
CA ASN A 7 -0.11 -7.85 -4.21
C ASN A 7 -0.30 -6.78 -3.13
N ALA A 8 -1.40 -6.87 -2.40
CA ALA A 8 -1.70 -5.92 -1.34
C ALA A 8 -0.80 -6.14 -0.12
N TYR A 9 -0.38 -7.40 0.06
CA TYR A 9 0.48 -7.74 1.18
C TYR A 9 1.79 -6.96 1.14
N GLU A 10 2.27 -6.69 -0.08
CA GLU A 10 3.51 -5.95 -0.26
C GLU A 10 3.36 -4.50 0.20
N CYS A 11 2.43 -3.78 -0.43
CA CYS A 11 2.17 -2.39 -0.09
C CYS A 11 1.70 -2.27 1.36
N ASP A 12 1.03 -3.29 1.86
CA ASP A 12 0.53 -3.30 3.22
C ASP A 12 1.67 -3.50 4.22
N ARG A 13 2.36 -4.63 4.11
CA ARG A 13 3.46 -4.94 5.00
C ARG A 13 4.53 -3.84 4.95
N HIS A 14 4.55 -3.10 3.84
CA HIS A 14 5.52 -2.02 3.67
C HIS A 14 5.41 -1.01 4.81
N CYS A 15 4.17 -0.66 5.16
CA CYS A 15 3.93 0.30 6.23
C CYS A 15 3.79 -0.40 7.57
N VAL A 16 3.23 -1.60 7.55
CA VAL A 16 3.04 -2.39 8.77
C VAL A 16 4.34 -2.49 9.57
N SER A 17 5.46 -2.45 8.85
CA SER A 17 6.78 -2.54 9.49
C SER A 17 7.16 -1.22 10.14
N LYS A 18 6.77 -0.12 9.49
CA LYS A 18 7.07 1.21 10.00
C LYS A 18 6.26 1.52 11.25
N GLY A 19 5.01 1.05 11.27
CA GLY A 19 4.15 1.28 12.40
C GLY A 19 2.70 1.47 12.01
N TYR A 20 2.48 2.21 10.92
CA TYR A 20 1.13 2.47 10.44
C TYR A 20 0.34 1.17 10.29
N THR A 21 -0.98 1.29 10.25
CA THR A 21 -1.85 0.14 10.11
C THR A 21 -1.47 -0.68 8.88
N GLY A 22 -0.96 -0.01 7.86
CA GLY A 22 -0.57 -0.70 6.64
C GLY A 22 -0.79 0.14 5.40
N GLY A 23 0.00 -0.11 4.36
CA GLY A 23 -0.13 0.65 3.13
C GLY A 23 -1.08 -0.02 2.14
N ASN A 24 -2.18 0.67 1.83
CA ASN A 24 -3.17 0.15 0.89
C ASN A 24 -3.30 1.05 -0.33
N CYS A 25 -3.43 0.43 -1.49
CA CYS A 25 -3.57 1.19 -2.74
C CYS A 25 -5.03 1.29 -3.15
N ARG A 26 -5.33 2.24 -4.01
CA ARG A 26 -6.69 2.44 -4.50
C ARG A 26 -6.71 3.31 -5.75
N GLY A 27 -7.91 3.67 -6.20
CA GLY A 27 -8.04 4.50 -7.39
C GLY A 27 -8.09 5.99 -7.05
N LYS A 28 -7.45 6.37 -5.95
CA LYS A 28 -7.42 7.76 -5.52
C LYS A 28 -6.98 8.67 -6.67
N ILE A 29 -5.94 8.25 -7.38
CA ILE A 29 -5.42 9.02 -8.50
C ILE A 29 -4.73 8.13 -9.52
N ARG A 30 -5.53 7.33 -10.23
CA ARG A 30 -5.00 6.42 -11.23
C ARG A 30 -4.10 5.37 -10.60
N GLN A 31 -4.64 4.64 -9.63
CA GLN A 31 -3.89 3.61 -8.94
C GLN A 31 -2.71 4.20 -8.18
N THR A 32 -2.81 4.23 -6.85
CA THR A 32 -1.75 4.78 -6.02
C THR A 32 -1.80 4.19 -4.61
N CYS A 33 -0.63 4.06 -3.99
CA CYS A 33 -0.55 3.51 -2.64
C CYS A 33 -0.80 4.59 -1.59
N HIS A 34 -1.32 4.18 -0.44
CA HIS A 34 -1.61 5.13 0.64
C HIS A 34 -1.56 4.42 1.99
N CYS A 35 -0.78 4.99 2.91
CA CYS A 35 -0.64 4.42 4.25
C CYS A 35 -1.51 5.15 5.26
N TYR A 36 -2.21 4.39 6.09
CA TYR A 36 -3.09 4.97 7.09
C TYR A 36 -2.53 4.76 8.50
N GLY A 1 4.17 -4.22 -10.51
CA GLY A 1 5.39 -3.55 -10.10
C GLY A 1 5.73 -3.80 -8.65
N PHE A 2 5.42 -2.84 -7.79
CA PHE A 2 5.70 -2.96 -6.36
C PHE A 2 4.48 -3.47 -5.61
N GLY A 3 3.62 -4.20 -6.31
CA GLY A 3 2.42 -4.73 -5.70
C GLY A 3 1.41 -3.65 -5.35
N CYS A 4 0.12 -3.96 -5.51
CA CYS A 4 -0.93 -3.01 -5.22
C CYS A 4 -2.30 -3.61 -5.50
N PRO A 5 -2.53 -3.98 -6.77
CA PRO A 5 -3.80 -4.58 -7.20
C PRO A 5 -4.00 -5.99 -6.64
N TRP A 6 -2.95 -6.80 -6.73
CA TRP A 6 -3.01 -8.18 -6.23
C TRP A 6 -1.94 -8.41 -5.17
N ASN A 7 -0.79 -7.77 -5.33
CA ASN A 7 0.30 -7.90 -4.39
C ASN A 7 0.23 -6.85 -3.30
N ALA A 8 -0.98 -6.38 -3.02
CA ALA A 8 -1.20 -5.36 -1.99
C ALA A 8 -0.51 -5.76 -0.69
N TYR A 9 -0.43 -7.06 -0.43
CA TYR A 9 0.20 -7.56 0.79
C TYR A 9 1.60 -6.98 0.95
N GLU A 10 2.24 -6.67 -0.17
CA GLU A 10 3.59 -6.11 -0.14
C GLU A 10 3.56 -4.65 0.29
N CYS A 11 2.63 -3.89 -0.27
CA CYS A 11 2.51 -2.47 0.05
C CYS A 11 1.96 -2.29 1.46
N ASP A 12 1.16 -3.24 1.91
CA ASP A 12 0.58 -3.19 3.25
C ASP A 12 1.65 -3.44 4.32
N ARG A 13 2.30 -4.59 4.23
CA ARG A 13 3.33 -4.95 5.19
C ARG A 13 4.44 -3.90 5.23
N HIS A 14 4.56 -3.15 4.13
CA HIS A 14 5.58 -2.10 4.03
C HIS A 14 5.43 -1.09 5.16
N CYS A 15 4.19 -0.70 5.44
CA CYS A 15 3.90 0.26 6.50
C CYS A 15 3.65 -0.45 7.82
N VAL A 16 3.07 -1.64 7.75
CA VAL A 16 2.78 -2.42 8.95
C VAL A 16 4.02 -2.56 9.83
N SER A 17 5.20 -2.55 9.21
CA SER A 17 6.45 -2.68 9.94
C SER A 17 6.80 -1.37 10.64
N LYS A 18 6.47 -0.26 10.00
CA LYS A 18 6.75 1.06 10.57
C LYS A 18 5.89 1.32 11.80
N GLY A 19 4.64 0.87 11.75
CA GLY A 19 3.74 1.06 12.88
C GLY A 19 2.36 1.52 12.44
N TYR A 20 2.28 2.04 11.22
CA TYR A 20 1.01 2.53 10.69
C TYR A 20 0.03 1.38 10.48
N THR A 21 -1.13 1.69 9.91
CA THR A 21 -2.15 0.68 9.65
C THR A 21 -1.75 -0.23 8.50
N GLY A 22 -1.09 0.34 7.50
CA GLY A 22 -0.66 -0.43 6.35
C GLY A 22 -0.71 0.36 5.06
N GLY A 23 0.23 0.10 4.17
CA GLY A 23 0.29 0.80 2.90
C GLY A 23 -0.68 0.22 1.88
N ASN A 24 -1.83 0.86 1.74
CA ASN A 24 -2.84 0.39 0.79
C ASN A 24 -2.92 1.32 -0.42
N CYS A 25 -3.17 0.74 -1.59
CA CYS A 25 -3.27 1.52 -2.82
C CYS A 25 -4.73 1.85 -3.15
N ARG A 26 -4.94 2.98 -3.79
CA ARG A 26 -6.29 3.42 -4.16
C ARG A 26 -6.26 4.28 -5.42
N GLY A 27 -7.43 4.69 -5.87
CA GLY A 27 -7.52 5.51 -7.06
C GLY A 27 -7.51 6.99 -6.75
N LYS A 28 -6.67 7.39 -5.79
CA LYS A 28 -6.56 8.79 -5.40
C LYS A 28 -5.92 9.61 -6.51
N ILE A 29 -5.00 9.00 -7.23
CA ILE A 29 -4.30 9.69 -8.32
C ILE A 29 -3.78 8.69 -9.35
N ARG A 30 -4.69 8.04 -10.05
CA ARG A 30 -4.32 7.05 -11.06
C ARG A 30 -3.60 5.87 -10.43
N GLN A 31 -4.21 5.28 -9.41
CA GLN A 31 -3.61 4.14 -8.72
C GLN A 31 -2.30 4.53 -8.04
N THR A 32 -2.33 4.63 -6.72
CA THR A 32 -1.15 5.00 -5.94
C THR A 32 -1.22 4.43 -4.53
N CYS A 33 -0.05 4.09 -3.99
CA CYS A 33 0.03 3.54 -2.64
C CYS A 33 -0.08 4.63 -1.59
N HIS A 34 -0.63 4.28 -0.43
CA HIS A 34 -0.78 5.25 0.66
C HIS A 34 -0.79 4.53 2.02
N CYS A 35 0.00 5.04 2.95
CA CYS A 35 0.09 4.46 4.28
C CYS A 35 -0.80 5.22 5.26
N TYR A 36 -1.65 4.48 5.97
CA TYR A 36 -2.57 5.08 6.94
C TYR A 36 -2.01 4.94 8.36
N GLY A 1 6.46 0.57 -10.34
CA GLY A 1 5.55 -0.19 -9.49
C GLY A 1 6.26 -1.23 -8.67
N PHE A 2 5.49 -1.96 -7.85
CA PHE A 2 6.04 -3.00 -7.00
C PHE A 2 4.95 -3.67 -6.18
N GLY A 3 3.77 -3.79 -6.76
CA GLY A 3 2.65 -4.41 -6.07
C GLY A 3 1.59 -3.42 -5.66
N CYS A 4 0.33 -3.83 -5.78
CA CYS A 4 -0.78 -2.95 -5.41
C CYS A 4 -2.12 -3.65 -5.67
N PRO A 5 -2.37 -4.01 -6.94
CA PRO A 5 -3.61 -4.69 -7.34
C PRO A 5 -3.68 -6.12 -6.80
N TRP A 6 -2.58 -6.86 -6.95
CA TRP A 6 -2.53 -8.24 -6.48
C TRP A 6 -1.42 -8.42 -5.45
N ASN A 7 -0.34 -7.68 -5.62
CA ASN A 7 0.80 -7.76 -4.70
C ASN A 7 0.66 -6.73 -3.57
N ALA A 8 -0.59 -6.37 -3.27
CA ALA A 8 -0.85 -5.40 -2.21
C ALA A 8 -0.11 -5.77 -0.92
N TYR A 9 0.07 -7.07 -0.70
CA TYR A 9 0.77 -7.55 0.49
C TYR A 9 2.11 -6.86 0.65
N GLU A 10 2.71 -6.46 -0.48
CA GLU A 10 4.00 -5.79 -0.45
C GLU A 10 3.88 -4.39 0.14
N CYS A 11 2.98 -3.59 -0.43
CA CYS A 11 2.77 -2.23 0.03
C CYS A 11 2.23 -2.22 1.46
N ASP A 12 1.56 -3.30 1.84
CA ASP A 12 1.00 -3.42 3.18
C ASP A 12 2.10 -3.57 4.22
N ARG A 13 2.88 -4.65 4.10
CA ARG A 13 3.96 -4.91 5.04
C ARG A 13 4.98 -3.76 5.02
N HIS A 14 4.97 -2.98 3.94
CA HIS A 14 5.89 -1.86 3.81
C HIS A 14 5.71 -0.87 4.95
N CYS A 15 4.45 -0.57 5.28
CA CYS A 15 4.14 0.36 6.35
C CYS A 15 4.01 -0.37 7.69
N VAL A 16 3.52 -1.61 7.64
CA VAL A 16 3.35 -2.41 8.84
C VAL A 16 4.63 -2.44 9.67
N SER A 17 5.78 -2.33 8.99
CA SER A 17 7.06 -2.35 9.66
C SER A 17 7.35 -1.00 10.32
N LYS A 18 6.92 0.07 9.67
CA LYS A 18 7.14 1.41 10.19
C LYS A 18 6.28 1.66 11.42
N GLY A 19 5.06 1.13 11.41
CA GLY A 19 4.16 1.30 12.54
C GLY A 19 2.71 1.40 12.10
N TYR A 20 2.47 2.13 11.02
CA TYR A 20 1.12 2.31 10.51
C TYR A 20 0.42 0.97 10.32
N THR A 21 -0.91 1.01 10.25
CA THR A 21 -1.70 -0.20 10.07
C THR A 21 -1.24 -0.99 8.84
N GLY A 22 -0.74 -0.27 7.84
CA GLY A 22 -0.28 -0.91 6.63
C GLY A 22 -0.49 -0.05 5.40
N GLY A 23 0.32 -0.29 4.37
CA GLY A 23 0.20 0.49 3.15
C GLY A 23 -0.70 -0.19 2.12
N ASN A 24 -1.80 0.47 1.79
CA ASN A 24 -2.75 -0.08 0.82
C ASN A 24 -2.96 0.90 -0.33
N CYS A 25 -3.21 0.36 -1.52
CA CYS A 25 -3.44 1.17 -2.70
C CYS A 25 -4.93 1.33 -2.99
N ARG A 26 -5.27 2.32 -3.81
CA ARG A 26 -6.66 2.57 -4.16
C ARG A 26 -6.75 3.44 -5.41
N GLY A 27 -7.97 3.82 -5.77
CA GLY A 27 -8.17 4.65 -6.94
C GLY A 27 -8.16 6.13 -6.62
N LYS A 28 -7.36 6.51 -5.64
CA LYS A 28 -7.26 7.92 -5.24
C LYS A 28 -6.83 8.80 -6.41
N ILE A 29 -5.86 8.32 -7.18
CA ILE A 29 -5.38 9.06 -8.34
C ILE A 29 -4.81 8.12 -9.39
N ARG A 30 -5.69 7.37 -10.05
CA ARG A 30 -5.27 6.43 -11.09
C ARG A 30 -4.39 5.32 -10.49
N GLN A 31 -4.91 4.66 -9.46
CA GLN A 31 -4.18 3.58 -8.81
C GLN A 31 -2.90 4.10 -8.17
N THR A 32 -2.90 4.18 -6.84
CA THR A 32 -1.75 4.67 -6.10
C THR A 32 -1.72 4.09 -4.68
N CYS A 33 -0.52 3.91 -4.15
CA CYS A 33 -0.35 3.37 -2.81
C CYS A 33 -0.54 4.46 -1.75
N HIS A 34 -1.00 4.05 -0.56
CA HIS A 34 -1.23 4.99 0.53
C HIS A 34 -1.25 4.26 1.87
N CYS A 35 -0.58 4.84 2.86
CA CYS A 35 -0.52 4.24 4.19
C CYS A 35 -1.49 4.96 5.14
N TYR A 36 -2.16 4.17 5.98
CA TYR A 36 -3.12 4.72 6.93
C TYR A 36 -2.53 4.73 8.34
#